data_3MYV
#
_entry.id   3MYV
#
_cell.length_a   55.136
_cell.length_b   83.639
_cell.length_c   223.303
_cell.angle_alpha   90.000
_cell.angle_beta   90.000
_cell.angle_gamma   90.000
#
_symmetry.space_group_name_H-M   'P 21 21 21'
#
loop_
_entity.id
_entity.type
_entity.pdbx_description
1 polymer 'SusD superfamily protein'
2 non-polymer 'SODIUM ION'
3 non-polymer 1,2-ETHANEDIOL
4 non-polymer 'PHOSPHATE ION'
5 water water
#
_entity_poly.entity_id   1
_entity_poly.type   'polypeptide(L)'
_entity_poly.pdbx_seq_one_letter_code
;GNKIPTT(MSE)AFRTVTDVDNAVNGLYDL(MSE)SGSGYYGAA(MSE)FAYGD(MSE)KGDD(MSE)QSSEESGVCNTC
Y(MSE)FNHRPNSLNAGSLWGRPFYILREAWNILNAIAEGKIESGDEKKLNALKGET(MSE)AVIALCQFDLTRCFGYPY
TKDKGASLGAPLIDHLVGTYENPPRSTVAQAYDFIIETLEEAVTL(MSE)SEEKNNGR(MSE)NKYAARALLARIYLYHD
DNRKAFDLADQLIKDADTSGSYALYPHEKYVAAWSVEAKFGSESFFEIANSVDDTPGRDSWGYLLNWYGYQKGFVTQKYA
EQ(MSE)LADPGDVRGHLLEENKYAGKTVWWLYKLRGTDLKTAPLECNNVVLRLSEVYLIAAEAGCKLGGDAAVQGLGYL
NEIVKRGNPDNEVT(MSE)ADYTLDRVLDERSKELVGEGHRFFDLLRNGKTIVRKGGYHLPSVDEEVDWDFYKCVLPIPE
DQFIFSPE(MSE)EQNPGYPKN
;
_entity_poly.pdbx_strand_id   A,B
#
# COMPACT_ATOMS: atom_id res chain seq x y z
N PHE A 10 45.97 10.13 4.80
CA PHE A 10 45.91 11.04 5.98
C PHE A 10 47.17 11.90 6.05
N ARG A 11 47.23 12.96 5.24
CA ARG A 11 48.38 13.89 5.23
C ARG A 11 48.09 15.26 5.87
N THR A 12 46.84 15.72 5.75
CA THR A 12 46.48 17.07 6.21
C THR A 12 45.24 17.06 7.09
N VAL A 13 45.03 18.16 7.80
CA VAL A 13 43.78 18.41 8.54
C VAL A 13 42.55 18.36 7.60
N THR A 14 42.70 18.83 6.37
CA THR A 14 41.63 18.72 5.38
C THR A 14 41.29 17.24 5.10
N ASP A 15 42.31 16.40 4.93
CA ASP A 15 42.08 14.97 4.79
C ASP A 15 41.29 14.44 5.97
N VAL A 16 41.62 14.91 7.18
CA VAL A 16 40.91 14.43 8.37
C VAL A 16 39.46 14.87 8.33
N ASP A 17 39.22 16.11 7.94
CA ASP A 17 37.85 16.65 7.87
C ASP A 17 37.01 15.80 6.91
N ASN A 18 37.61 15.46 5.76
CA ASN A 18 36.95 14.61 4.77
C ASN A 18 36.67 13.21 5.27
N ALA A 19 37.61 12.63 6.01
CA ALA A 19 37.39 11.31 6.60
C ALA A 19 36.21 11.37 7.59
N VAL A 20 36.18 12.43 8.40
CA VAL A 20 35.13 12.57 9.43
C VAL A 20 33.79 12.73 8.73
N ASN A 21 33.75 13.54 7.68
CA ASN A 21 32.55 13.69 6.85
C ASN A 21 32.01 12.33 6.35
N GLY A 22 32.91 11.45 5.93
CA GLY A 22 32.56 10.08 5.46
C GLY A 22 31.88 9.22 6.52
N LEU A 23 32.22 9.44 7.78
CA LEU A 23 31.53 8.76 8.88
C LEU A 23 30.03 9.10 8.86
N TYR A 24 29.71 10.36 8.62
CA TYR A 24 28.28 10.75 8.55
C TYR A 24 27.61 10.25 7.29
N ASP A 25 28.32 10.26 6.16
CA ASP A 25 27.80 9.60 4.95
C ASP A 25 27.36 8.15 5.28
N LEU A 26 28.22 7.40 5.98
CA LEU A 26 27.88 6.02 6.33
C LEU A 26 26.66 5.97 7.25
N SER A 28 24.19 7.96 7.48
CA SER A 28 22.93 8.36 6.81
C SER A 28 22.24 7.23 6.04
N GLY A 29 22.87 6.06 5.96
CA GLY A 29 22.30 4.95 5.22
C GLY A 29 20.97 4.55 5.84
N SER A 30 20.08 4.06 5.01
CA SER A 30 18.73 3.66 5.49
C SER A 30 18.81 2.53 6.52
N GLY A 31 19.90 1.75 6.49
CA GLY A 31 20.15 0.72 7.48
C GLY A 31 20.49 1.20 8.90
N TYR A 32 20.83 2.49 9.03
CA TYR A 32 21.13 3.08 10.35
C TYR A 32 20.29 4.35 10.57
N TYR A 33 20.86 5.55 10.46
CA TYR A 33 20.09 6.77 10.74
C TYR A 33 19.28 7.34 9.56
N GLY A 34 19.34 6.68 8.40
CA GLY A 34 18.43 7.01 7.32
C GLY A 34 17.00 6.52 7.51
N ALA A 35 16.83 5.51 8.36
CA ALA A 35 15.51 4.92 8.62
C ALA A 35 15.49 3.91 9.78
N ALA A 36 16.36 2.90 9.76
CA ALA A 36 16.22 1.74 10.66
C ALA A 36 16.16 2.10 12.15
N PHE A 38 14.94 4.60 13.64
CA PHE A 38 13.67 5.19 13.97
C PHE A 38 12.59 4.16 13.92
N ALA A 39 12.64 3.27 12.92
CA ALA A 39 11.72 2.14 12.87
C ALA A 39 11.81 1.38 14.18
N TYR A 40 13.03 1.19 14.64
CA TYR A 40 13.30 0.37 15.82
C TYR A 40 12.71 1.03 17.07
N GLY A 41 13.05 2.30 17.27
CA GLY A 41 12.57 3.05 18.43
C GLY A 41 11.08 3.36 18.51
N ASP A 42 10.44 3.55 17.36
CA ASP A 42 9.02 3.89 17.32
C ASP A 42 8.11 2.66 17.17
N LYS A 44 8.45 -0.35 18.01
CA LYS A 44 8.47 -1.22 19.19
C LYS A 44 7.77 -0.62 20.42
N GLY A 45 7.42 0.65 20.32
CA GLY A 45 6.63 1.31 21.37
C GLY A 45 5.12 1.09 21.22
N ASP A 46 4.37 1.97 21.86
CA ASP A 46 2.89 1.92 21.82
C ASP A 46 2.25 3.02 20.98
N ASP A 47 3.09 3.89 20.39
CA ASP A 47 2.57 5.08 19.69
C ASP A 47 2.60 5.03 18.18
N GLN A 49 2.75 1.98 14.81
CA GLN A 49 2.64 0.59 14.43
C GLN A 49 2.85 0.43 12.94
N SER A 50 3.14 -0.79 12.55
CA SER A 50 3.20 -1.16 11.14
C SER A 50 1.82 -1.17 10.46
N SER A 51 1.84 -0.94 9.16
CA SER A 51 0.71 -1.28 8.32
C SER A 51 0.89 -2.76 7.94
N GLU A 52 0.13 -3.21 6.93
CA GLU A 52 0.29 -4.57 6.41
CA GLU A 52 0.31 -4.58 6.43
C GLU A 52 1.53 -4.70 5.50
N GLU A 53 2.14 -3.57 5.13
CA GLU A 53 3.29 -3.61 4.25
C GLU A 53 4.47 -4.30 4.91
N SER A 54 5.27 -4.97 4.09
CA SER A 54 6.49 -5.65 4.54
CA SER A 54 6.48 -5.64 4.57
C SER A 54 7.64 -4.66 4.73
N GLY A 55 8.69 -5.12 5.40
CA GLY A 55 9.89 -4.35 5.60
C GLY A 55 10.25 -4.12 7.05
N VAL A 56 11.16 -3.18 7.27
CA VAL A 56 11.77 -2.97 8.59
C VAL A 56 10.79 -2.47 9.64
N CYS A 57 9.83 -1.64 9.25
CA CYS A 57 8.80 -1.22 10.20
C CYS A 57 8.03 -2.45 10.70
N ASN A 58 7.70 -3.34 9.78
CA ASN A 58 6.89 -4.51 10.10
C ASN A 58 7.62 -5.51 11.03
N THR A 59 8.85 -5.86 10.68
CA THR A 59 9.64 -6.82 11.44
C THR A 59 9.98 -6.22 12.81
N CYS A 60 10.30 -4.92 12.88
CA CYS A 60 10.47 -4.29 14.21
C CYS A 60 9.19 -4.34 15.05
N TYR A 61 8.07 -3.94 14.45
CA TYR A 61 6.79 -3.96 15.16
C TYR A 61 6.44 -5.35 15.67
N PHE A 63 8.52 -7.74 16.31
CA PHE A 63 9.72 -8.38 16.94
C PHE A 63 10.13 -9.67 16.20
N ASN A 64 10.08 -9.60 14.87
CA ASN A 64 10.42 -10.73 14.02
C ASN A 64 11.91 -10.63 13.67
N HIS A 65 12.75 -11.16 14.54
CA HIS A 65 14.21 -11.08 14.41
C HIS A 65 14.81 -12.45 14.69
N ARG A 66 15.80 -12.84 13.92
CA ARG A 66 16.53 -14.08 14.23
C ARG A 66 18.01 -14.01 13.87
N PRO A 67 18.82 -14.89 14.48
CA PRO A 67 20.26 -14.77 14.28
C PRO A 67 20.72 -14.80 12.81
N ASN A 68 20.05 -15.59 11.95
CA ASN A 68 20.40 -15.63 10.52
C ASN A 68 19.72 -14.59 9.66
N SER A 69 18.90 -13.73 10.28
CA SER A 69 18.23 -12.65 9.58
C SER A 69 17.71 -11.67 10.63
N LEU A 70 18.55 -10.69 10.99
CA LEU A 70 18.17 -9.78 12.08
C LEU A 70 16.87 -9.03 11.76
N ASN A 71 16.60 -8.73 10.50
CA ASN A 71 15.39 -7.99 10.11
C ASN A 71 15.34 -6.68 10.88
N ALA A 72 16.48 -5.98 10.90
CA ALA A 72 16.60 -4.71 11.60
C ALA A 72 17.57 -3.80 10.87
N GLY A 73 17.35 -3.66 9.56
CA GLY A 73 18.21 -2.80 8.76
C GLY A 73 19.67 -3.27 8.81
N SER A 74 20.57 -2.36 9.16
CA SER A 74 22.00 -2.65 9.37
C SER A 74 22.49 -2.25 10.77
N LEU A 75 21.62 -2.45 11.75
CA LEU A 75 21.85 -1.91 13.10
C LEU A 75 23.01 -2.61 13.82
N TRP A 76 23.47 -3.74 13.28
CA TRP A 76 24.76 -4.29 13.75
C TRP A 76 25.88 -3.82 12.85
N GLY A 77 25.81 -4.21 11.58
CA GLY A 77 26.91 -3.95 10.66
C GLY A 77 27.35 -2.52 10.47
N ARG A 78 26.40 -1.61 10.33
CA ARG A 78 26.75 -0.24 9.96
C ARG A 78 27.42 0.51 11.14
N PRO A 79 26.87 0.43 12.38
CA PRO A 79 27.61 1.10 13.45
C PRO A 79 29.00 0.48 13.67
N PHE A 80 29.15 -0.83 13.47
CA PHE A 80 30.48 -1.43 13.64
C PHE A 80 31.44 -0.97 12.57
N TYR A 81 30.95 -0.84 11.34
CA TYR A 81 31.75 -0.37 10.24
C TYR A 81 32.23 1.06 10.52
N ILE A 82 31.33 1.90 10.98
CA ILE A 82 31.67 3.26 11.30
C ILE A 82 32.72 3.33 12.42
N LEU A 83 32.54 2.51 13.46
CA LEU A 83 33.50 2.44 14.55
C LEU A 83 34.92 2.08 14.07
N ARG A 84 35.02 1.13 13.16
CA ARG A 84 36.31 0.79 12.59
C ARG A 84 36.91 1.97 11.86
N GLU A 85 36.14 2.64 10.99
CA GLU A 85 36.68 3.80 10.25
C GLU A 85 37.05 4.95 11.19
N ALA A 86 36.24 5.13 12.23
CA ALA A 86 36.48 6.19 13.22
C ALA A 86 37.81 5.96 13.96
N TRP A 87 38.04 4.72 14.38
CA TRP A 87 39.29 4.40 15.07
C TRP A 87 40.51 4.52 14.14
N ASN A 88 40.33 4.27 12.84
CA ASN A 88 41.42 4.50 11.87
C ASN A 88 41.81 5.99 11.84
N ILE A 89 40.81 6.86 11.99
CA ILE A 89 41.04 8.32 12.04
C ILE A 89 41.82 8.66 13.30
N LEU A 90 41.34 8.19 14.46
CA LEU A 90 42.01 8.51 15.72
C LEU A 90 43.45 8.02 15.70
N ASN A 91 43.66 6.82 15.18
CA ASN A 91 45.01 6.23 15.15
C ASN A 91 45.95 7.06 14.28
N ALA A 92 45.49 7.47 13.11
CA ALA A 92 46.30 8.34 12.24
C ALA A 92 46.73 9.59 13.02
N ILE A 93 45.77 10.23 13.69
CA ILE A 93 46.04 11.45 14.46
C ILE A 93 47.04 11.18 15.58
N ALA A 94 46.82 10.11 16.33
CA ALA A 94 47.69 9.74 17.43
C ALA A 94 49.10 9.37 16.96
N GLU A 95 49.24 8.86 15.73
CA GLU A 95 50.55 8.45 15.23
C GLU A 95 51.37 9.61 14.64
N GLY A 96 50.81 10.83 14.65
CA GLY A 96 51.51 12.00 14.11
C GLY A 96 51.50 12.08 12.59
N LYS A 97 50.52 11.43 11.95
CA LYS A 97 50.47 11.40 10.49
C LYS A 97 50.08 12.76 9.83
N ILE A 98 49.47 13.67 10.57
CA ILE A 98 48.94 14.91 9.96
C ILE A 98 49.97 16.05 10.04
N GLU A 99 50.10 16.78 8.94
CA GLU A 99 50.90 18.03 8.89
C GLU A 99 50.51 19.03 9.97
N SER A 100 51.51 19.78 10.45
CA SER A 100 51.32 20.76 11.53
C SER A 100 50.58 22.01 11.05
N GLY A 101 50.20 22.85 12.01
CA GLY A 101 49.76 24.22 11.71
C GLY A 101 48.30 24.56 11.95
N ASP A 102 47.41 23.57 11.84
CA ASP A 102 45.97 23.82 11.95
C ASP A 102 45.39 23.07 13.18
N GLU A 103 46.09 23.22 14.29
CA GLU A 103 45.96 22.31 15.43
C GLU A 103 44.62 22.39 16.19
N LYS A 104 44.04 23.57 16.27
CA LYS A 104 42.79 23.74 17.00
C LYS A 104 41.71 22.94 16.28
N LYS A 105 41.65 23.08 14.96
CA LYS A 105 40.68 22.35 14.15
C LYS A 105 40.90 20.83 14.22
N LEU A 106 42.16 20.39 14.19
CA LEU A 106 42.46 18.96 14.28
C LEU A 106 41.92 18.41 15.59
N ASN A 107 42.08 19.18 16.67
CA ASN A 107 41.57 18.80 17.97
CA ASN A 107 41.56 18.80 17.97
C ASN A 107 40.04 18.70 17.96
N ALA A 108 39.39 19.64 17.28
CA ALA A 108 37.93 19.63 17.13
C ALA A 108 37.47 18.37 16.37
N LEU A 109 38.20 18.05 15.32
CA LEU A 109 37.90 16.86 14.52
C LEU A 109 38.14 15.57 15.32
N LYS A 110 39.20 15.54 16.12
CA LYS A 110 39.45 14.40 17.01
C LYS A 110 38.25 14.21 17.98
N GLY A 111 37.83 15.29 18.62
CA GLY A 111 36.68 15.24 19.54
C GLY A 111 35.41 14.77 18.85
N GLU A 112 35.21 15.26 17.64
CA GLU A 112 34.01 14.94 16.89
C GLU A 112 34.01 13.47 16.52
N THR A 113 35.16 12.96 16.11
CA THR A 113 35.33 11.52 15.83
C THR A 113 35.01 10.67 17.06
N ALA A 115 32.97 11.59 19.42
CA ALA A 115 31.51 11.71 19.61
C ALA A 115 30.78 10.68 18.71
N VAL A 116 31.21 10.55 17.46
CA VAL A 116 30.69 9.52 16.54
C VAL A 116 30.86 8.11 17.13
N ILE A 117 32.03 7.82 17.67
CA ILE A 117 32.30 6.52 18.29
C ILE A 117 31.35 6.25 19.45
N ALA A 118 31.16 7.27 20.28
CA ALA A 118 30.27 7.15 21.41
C ALA A 118 28.81 6.90 20.98
N LEU A 119 28.33 7.62 19.97
CA LEU A 119 26.97 7.39 19.46
C LEU A 119 26.77 5.97 18.92
N CYS A 120 27.71 5.52 18.09
CA CYS A 120 27.64 4.19 17.51
C CYS A 120 27.64 3.13 18.60
N GLN A 121 28.58 3.24 19.52
CA GLN A 121 28.64 2.22 20.59
C GLN A 121 27.39 2.26 21.45
N PHE A 122 26.86 3.46 21.69
CA PHE A 122 25.63 3.60 22.51
C PHE A 122 24.45 2.90 21.85
N ASP A 123 24.28 3.14 20.55
CA ASP A 123 23.22 2.49 19.80
C ASP A 123 23.35 0.97 19.82
N LEU A 124 24.56 0.46 19.59
CA LEU A 124 24.81 -0.98 19.72
C LEU A 124 24.46 -1.52 21.10
N THR A 125 24.74 -0.73 22.12
CA THR A 125 24.48 -1.13 23.49
C THR A 125 22.99 -1.19 23.76
N ARG A 126 22.24 -0.16 23.34
CA ARG A 126 20.80 -0.21 23.59
C ARG A 126 20.01 -1.17 22.68
N CYS A 127 20.57 -1.53 21.53
CA CYS A 127 19.96 -2.50 20.65
C CYS A 127 20.32 -3.96 21.00
N PHE A 128 21.55 -4.22 21.49
CA PHE A 128 21.99 -5.61 21.72
C PHE A 128 22.17 -6.05 23.18
N GLY A 129 22.09 -5.10 24.12
CA GLY A 129 22.09 -5.38 25.53
C GLY A 129 20.83 -4.90 26.20
N TYR A 130 20.51 -5.54 27.33
CA TYR A 130 19.35 -5.18 28.10
C TYR A 130 19.60 -3.77 28.69
N PRO A 131 18.53 -3.02 28.98
CA PRO A 131 18.72 -1.67 29.51
C PRO A 131 19.65 -1.65 30.72
N TYR A 132 20.56 -0.69 30.73
CA TYR A 132 21.45 -0.53 31.87
C TYR A 132 20.69 -0.57 33.19
N THR A 133 19.55 0.13 33.22
CA THR A 133 18.78 0.28 34.44
C THR A 133 18.13 -1.02 34.91
N LYS A 134 18.08 -2.06 34.08
CA LYS A 134 17.55 -3.36 34.55
C LYS A 134 18.38 -4.00 35.68
N ASP A 135 19.69 -3.86 35.56
CA ASP A 135 20.60 -4.73 36.28
C ASP A 135 21.99 -4.12 36.43
N LYS A 136 22.05 -2.79 36.53
CA LYS A 136 23.30 -2.06 36.59
C LYS A 136 24.27 -2.49 35.49
N GLY A 137 23.74 -2.76 34.30
CA GLY A 137 24.59 -3.01 33.14
C GLY A 137 25.27 -4.36 33.16
N ALA A 138 24.72 -5.29 33.94
CA ALA A 138 25.33 -6.61 34.11
C ALA A 138 25.21 -7.49 32.88
N SER A 139 24.16 -7.32 32.08
CA SER A 139 23.97 -8.14 30.88
C SER A 139 25.02 -7.81 29.82
N LEU A 140 25.19 -8.73 28.88
CA LEU A 140 26.12 -8.51 27.82
C LEU A 140 25.57 -7.51 26.83
N GLY A 141 26.43 -6.59 26.42
CA GLY A 141 26.17 -5.72 25.30
C GLY A 141 26.73 -6.27 24.01
N ALA A 142 27.09 -5.36 23.12
CA ALA A 142 27.76 -5.74 21.90
C ALA A 142 29.26 -5.85 22.22
N PRO A 143 30.04 -6.39 21.28
CA PRO A 143 31.49 -6.19 21.38
C PRO A 143 31.80 -4.69 21.47
N LEU A 144 32.80 -4.34 22.27
CA LEU A 144 33.09 -2.96 22.62
C LEU A 144 34.30 -2.47 21.86
N ILE A 145 34.10 -1.54 20.93
CA ILE A 145 35.22 -1.00 20.12
C ILE A 145 35.79 0.22 20.82
N ASP A 146 36.56 -0.06 21.86
CA ASP A 146 37.18 0.93 22.71
C ASP A 146 38.67 1.03 22.42
N HIS A 147 39.07 0.55 21.25
CA HIS A 147 40.46 0.57 20.80
C HIS A 147 40.53 0.25 19.32
N LEU A 148 41.73 0.40 18.78
CA LEU A 148 42.06 0.01 17.43
C LEU A 148 42.20 -1.50 17.37
N VAL A 149 41.27 -2.15 16.66
CA VAL A 149 41.20 -3.62 16.69
C VAL A 149 42.32 -4.21 15.83
N GLY A 150 42.99 -5.25 16.35
CA GLY A 150 44.09 -5.90 15.60
C GLY A 150 43.60 -6.58 14.32
N THR A 151 44.52 -6.80 13.40
CA THR A 151 44.21 -7.38 12.10
C THR A 151 43.38 -8.66 12.24
N TYR A 152 43.80 -9.56 13.13
CA TYR A 152 43.09 -10.85 13.32
C TYR A 152 42.39 -11.01 14.68
N GLU A 153 42.16 -9.87 15.34
CA GLU A 153 41.46 -9.79 16.62
C GLU A 153 39.95 -9.77 16.36
N ASN A 154 39.22 -10.54 17.16
CA ASN A 154 37.75 -10.53 17.13
C ASN A 154 37.28 -10.19 18.53
N PRO A 155 36.95 -8.91 18.77
CA PRO A 155 36.63 -8.53 20.15
C PRO A 155 35.45 -9.31 20.70
N PRO A 156 35.52 -9.70 21.99
CA PRO A 156 34.41 -10.44 22.56
C PRO A 156 33.27 -9.46 22.89
N ARG A 157 32.15 -9.98 23.35
CA ARG A 157 31.11 -9.14 23.91
C ARG A 157 31.61 -8.61 25.24
N SER A 158 31.35 -7.32 25.48
CA SER A 158 31.57 -6.76 26.80
C SER A 158 30.21 -6.53 27.48
N THR A 159 30.19 -6.21 28.77
CA THR A 159 28.92 -5.94 29.45
C THR A 159 28.40 -4.56 29.05
N VAL A 160 27.12 -4.35 29.29
CA VAL A 160 26.49 -3.05 29.08
C VAL A 160 27.18 -2.01 29.98
N ALA A 161 27.45 -2.38 31.23
CA ALA A 161 28.18 -1.48 32.18
C ALA A 161 29.54 -1.07 31.62
N GLN A 162 30.30 -2.02 31.10
CA GLN A 162 31.60 -1.70 30.45
C GLN A 162 31.46 -0.75 29.27
N ALA A 163 30.41 -0.92 28.48
CA ALA A 163 30.17 -0.04 27.32
C ALA A 163 29.84 1.40 27.77
N TYR A 164 28.93 1.53 28.73
CA TYR A 164 28.63 2.84 29.30
C TYR A 164 29.84 3.57 29.89
N ASP A 165 30.67 2.83 30.65
CA ASP A 165 31.88 3.43 31.22
C ASP A 165 32.73 4.08 30.10
N PHE A 166 32.91 3.34 29.02
CA PHE A 166 33.67 3.84 27.87
C PHE A 166 32.97 4.99 27.13
N ILE A 167 31.70 4.82 26.84
CA ILE A 167 30.91 5.83 26.14
C ILE A 167 30.94 7.17 26.87
N ILE A 168 30.72 7.15 28.19
CA ILE A 168 30.65 8.39 28.95
C ILE A 168 32.01 9.11 29.02
N GLU A 169 33.07 8.37 29.29
CA GLU A 169 34.43 8.90 29.36
C GLU A 169 34.83 9.50 28.02
N THR A 170 34.50 8.78 26.96
CA THR A 170 34.78 9.24 25.61
C THR A 170 34.08 10.55 25.28
N LEU A 171 32.79 10.62 25.58
CA LEU A 171 32.02 11.80 25.28
C LEU A 171 32.38 12.98 26.20
N GLU A 172 32.68 12.73 27.49
CA GLU A 172 33.14 13.79 28.37
C GLU A 172 34.43 14.43 27.81
N GLU A 173 35.35 13.60 27.34
CA GLU A 173 36.57 14.13 26.72
C GLU A 173 36.28 14.83 25.38
N ALA A 174 35.44 14.23 24.54
CA ALA A 174 35.07 14.82 23.24
C ALA A 174 34.58 16.26 23.38
N VAL A 175 33.68 16.46 24.34
CA VAL A 175 33.10 17.76 24.60
C VAL A 175 34.20 18.78 24.86
N THR A 176 35.25 18.39 25.60
CA THR A 176 36.29 19.38 25.93
C THR A 176 37.09 19.77 24.68
N LEU A 177 37.14 18.89 23.68
CA LEU A 177 37.89 19.17 22.44
C LEU A 177 37.13 19.88 21.32
N SER A 179 34.34 22.13 18.88
CA SER A 179 33.97 23.49 18.58
C SER A 179 32.48 23.71 18.76
N GLU A 180 32.11 24.91 19.20
CA GLU A 180 30.71 25.29 19.31
C GLU A 180 30.11 25.73 17.99
N GLU A 181 30.94 26.02 16.98
CA GLU A 181 30.40 26.44 15.70
CA GLU A 181 30.47 26.40 15.65
C GLU A 181 29.49 25.36 15.09
N LYS A 182 28.47 25.82 14.39
CA LYS A 182 27.54 24.93 13.75
C LYS A 182 28.13 24.38 12.47
N ASN A 183 27.90 23.10 12.22
CA ASN A 183 28.26 22.50 10.94
C ASN A 183 27.11 21.60 10.54
N ASN A 184 26.21 22.12 9.70
CA ASN A 184 24.92 21.47 9.51
C ASN A 184 25.09 20.11 8.90
N GLY A 185 24.53 19.08 9.54
CA GLY A 185 24.68 17.70 9.06
C GLY A 185 25.66 16.92 9.94
N ARG A 186 26.34 17.62 10.83
CA ARG A 186 27.28 16.99 11.75
C ARG A 186 27.08 17.46 13.20
N ASN A 188 28.31 19.18 16.64
CA ASN A 188 29.22 20.14 17.26
C ASN A 188 29.17 19.96 18.78
N LYS A 189 29.81 20.84 19.52
CA LYS A 189 29.91 20.70 20.99
C LYS A 189 28.53 20.65 21.63
N TYR A 190 27.59 21.45 21.14
CA TYR A 190 26.25 21.40 21.68
C TYR A 190 25.58 20.05 21.52
N ALA A 191 25.68 19.46 20.32
CA ALA A 191 25.16 18.15 20.02
C ALA A 191 25.75 17.12 20.94
N ALA A 192 27.07 17.16 21.06
CA ALA A 192 27.77 16.19 21.92
C ALA A 192 27.34 16.27 23.38
N ARG A 193 27.14 17.49 23.90
CA ARG A 193 26.61 17.65 25.26
C ARG A 193 25.17 17.16 25.37
N ALA A 194 24.35 17.41 24.34
CA ALA A 194 22.97 16.92 24.37
C ALA A 194 22.97 15.39 24.44
N LEU A 195 23.82 14.75 23.62
CA LEU A 195 23.91 13.28 23.60
C LEU A 195 24.37 12.74 24.98
N LEU A 196 25.38 13.39 25.54
CA LEU A 196 25.92 13.04 26.87
C LEU A 196 24.84 13.15 27.96
N ALA A 197 24.01 14.20 27.91
CA ALA A 197 22.91 14.31 28.89
C ALA A 197 21.97 13.12 28.74
N ARG A 198 21.65 12.73 27.50
CA ARG A 198 20.82 11.54 27.27
C ARG A 198 21.47 10.30 27.87
N ILE A 199 22.76 10.12 27.59
CA ILE A 199 23.44 8.92 28.02
C ILE A 199 23.54 8.87 29.56
N TYR A 200 23.84 10.00 30.19
CA TYR A 200 23.80 10.06 31.67
C TYR A 200 22.44 9.57 32.18
N LEU A 201 21.37 10.00 31.54
CA LEU A 201 19.99 9.62 31.95
C LEU A 201 19.74 8.14 31.78
N TYR A 202 20.13 7.59 30.63
CA TYR A 202 20.06 6.17 30.39
C TYR A 202 20.91 5.37 31.40
N HIS A 203 21.99 5.99 31.87
CA HIS A 203 22.89 5.38 32.85
C HIS A 203 22.45 5.57 34.33
N ASP A 204 21.28 6.17 34.54
CA ASP A 204 20.76 6.50 35.90
C ASP A 204 21.61 7.53 36.65
N ASP A 205 22.43 8.29 35.94
CA ASP A 205 23.21 9.36 36.57
C ASP A 205 22.31 10.61 36.53
N ASN A 206 21.26 10.61 37.32
CA ASN A 206 20.25 11.67 37.24
C ASN A 206 20.77 13.05 37.59
N ARG A 207 21.64 13.17 38.58
CA ARG A 207 22.23 14.46 38.93
CA ARG A 207 22.23 14.46 38.93
C ARG A 207 23.08 15.00 37.77
N LYS A 208 23.93 14.15 37.21
CA LYS A 208 24.76 14.54 36.06
C LYS A 208 23.88 14.93 34.86
N ALA A 209 22.84 14.13 34.59
CA ALA A 209 21.91 14.42 33.49
C ALA A 209 21.20 15.76 33.68
N PHE A 210 20.68 15.99 34.88
CA PHE A 210 19.99 17.26 35.16
C PHE A 210 20.96 18.43 35.02
N ASP A 211 22.11 18.34 35.67
CA ASP A 211 23.01 19.49 35.71
C ASP A 211 23.50 19.86 34.30
N LEU A 212 23.80 18.84 33.48
CA LEU A 212 24.24 19.07 32.11
C LEU A 212 23.11 19.62 31.27
N ALA A 213 21.93 19.01 31.38
CA ALA A 213 20.78 19.44 30.55
C ALA A 213 20.42 20.88 30.89
N ASP A 214 20.42 21.18 32.18
CA ASP A 214 20.15 22.54 32.66
C ASP A 214 21.16 23.54 32.10
N GLN A 215 22.45 23.21 32.13
CA GLN A 215 23.46 24.18 31.71
C GLN A 215 23.43 24.36 30.20
N LEU A 216 23.13 23.27 29.49
CA LEU A 216 23.03 23.29 28.02
C LEU A 216 21.88 24.19 27.59
N ILE A 217 20.75 24.09 28.28
CA ILE A 217 19.60 24.96 27.98
C ILE A 217 19.97 26.42 28.26
N LYS A 218 20.64 26.65 29.39
CA LYS A 218 21.06 28.00 29.74
C LYS A 218 22.02 28.57 28.69
N ASP A 219 22.97 27.73 28.25
CA ASP A 219 23.95 28.16 27.24
C ASP A 219 23.27 28.43 25.89
N ALA A 220 22.33 27.59 25.46
CA ALA A 220 21.54 27.90 24.25
C ALA A 220 20.85 29.27 24.33
N ASP A 221 20.28 29.56 25.49
CA ASP A 221 19.57 30.81 25.71
CA ASP A 221 19.57 30.81 25.74
C ASP A 221 20.52 32.02 25.73
N THR A 222 21.65 31.90 26.43
CA THR A 222 22.61 33.01 26.55
CA THR A 222 22.56 33.04 26.54
C THR A 222 23.25 33.34 25.20
N SER A 223 23.61 32.31 24.45
CA SER A 223 24.22 32.51 23.14
C SER A 223 23.22 32.88 22.04
N GLY A 224 21.98 32.47 22.22
CA GLY A 224 20.95 32.58 21.19
C GLY A 224 21.13 31.57 20.06
N SER A 225 22.00 30.59 20.25
CA SER A 225 22.39 29.71 19.16
CA SER A 225 22.41 29.69 19.17
C SER A 225 21.37 28.61 18.86
N TYR A 226 20.54 28.29 19.86
CA TYR A 226 19.43 27.36 19.69
C TYR A 226 18.24 27.89 20.48
N ALA A 227 17.03 27.59 20.00
CA ALA A 227 15.81 28.04 20.63
C ALA A 227 14.65 27.12 20.25
N LEU A 228 13.68 27.02 21.15
CA LEU A 228 12.49 26.21 20.94
C LEU A 228 11.61 26.83 19.86
N TYR A 229 11.04 26.01 19.00
CA TYR A 229 10.00 26.47 18.05
C TYR A 229 8.77 26.93 18.79
N PRO A 230 8.28 28.15 18.51
CA PRO A 230 7.01 28.61 19.09
C PRO A 230 5.85 27.78 18.58
N HIS A 231 4.78 27.77 19.38
CA HIS A 231 3.54 27.07 19.09
C HIS A 231 3.10 27.28 17.62
N GLU A 232 3.07 28.53 17.20
CA GLU A 232 2.54 28.93 15.88
C GLU A 232 3.45 28.55 14.72
N LYS A 233 4.71 28.23 15.02
CA LYS A 233 5.68 27.88 14.01
C LYS A 233 6.11 26.41 14.06
N TYR A 234 5.53 25.65 14.96
CA TYR A 234 5.93 24.25 15.20
C TYR A 234 5.75 23.35 13.98
N VAL A 235 4.56 23.36 13.37
CA VAL A 235 4.33 22.50 12.21
C VAL A 235 5.29 22.85 11.07
N ALA A 236 5.41 24.15 10.79
CA ALA A 236 6.33 24.61 9.71
C ALA A 236 7.80 24.24 9.96
N ALA A 237 8.16 24.01 11.23
CA ALA A 237 9.53 23.69 11.60
C ALA A 237 9.95 22.28 11.14
N TRP A 238 8.95 21.47 10.79
CA TRP A 238 9.18 20.10 10.30
C TRP A 238 9.25 19.98 8.80
N SER A 239 9.26 21.11 8.10
CA SER A 239 9.32 21.14 6.65
C SER A 239 10.72 20.97 6.10
N VAL A 240 10.80 20.38 4.92
CA VAL A 240 12.01 20.36 4.11
C VAL A 240 12.49 21.76 3.77
N GLU A 241 11.61 22.75 3.87
CA GLU A 241 12.00 24.14 3.64
C GLU A 241 12.57 24.79 4.87
N ALA A 242 12.69 24.07 6.00
CA ALA A 242 13.19 24.64 7.23
C ALA A 242 14.25 23.74 7.86
N LYS A 243 15.19 23.24 7.05
CA LYS A 243 16.19 22.29 7.54
C LYS A 243 17.15 22.99 8.52
N PHE A 244 17.70 22.19 9.43
CA PHE A 244 18.64 22.69 10.42
C PHE A 244 18.02 23.84 11.21
N GLY A 245 16.78 23.64 11.68
CA GLY A 245 16.10 24.67 12.44
C GLY A 245 16.72 24.95 13.80
N SER A 246 16.17 25.94 14.50
CA SER A 246 16.75 26.42 15.75
C SER A 246 16.83 25.40 16.89
N GLU A 247 16.06 24.32 16.83
CA GLU A 247 16.17 23.28 17.88
C GLU A 247 17.25 22.23 17.55
N SER A 248 17.63 22.15 16.28
CA SER A 248 18.40 21.03 15.79
C SER A 248 19.89 21.17 16.12
N PHE A 249 20.37 20.32 17.02
CA PHE A 249 21.83 20.23 17.27
C PHE A 249 22.48 19.34 16.20
N PHE A 250 21.80 18.23 15.87
CA PHE A 250 22.30 17.26 14.92
C PHE A 250 21.15 16.67 14.14
N GLU A 251 21.17 16.81 12.81
CA GLU A 251 20.25 16.04 11.98
C GLU A 251 21.03 15.49 10.79
N ILE A 252 20.54 14.37 10.24
CA ILE A 252 21.15 13.74 9.05
C ILE A 252 20.80 14.55 7.80
N ALA A 253 21.80 14.95 7.03
CA ALA A 253 21.56 15.76 5.84
C ALA A 253 21.19 14.82 4.68
N ASN A 254 20.04 15.07 4.09
CA ASN A 254 19.53 14.29 2.97
C ASN A 254 19.26 15.28 1.84
N SER A 255 19.20 14.79 0.62
CA SER A 255 18.80 15.65 -0.49
C SER A 255 18.02 14.84 -1.50
N VAL A 256 17.40 15.50 -2.47
CA VAL A 256 16.60 14.78 -3.46
CA VAL A 256 16.61 14.80 -3.49
C VAL A 256 17.47 13.86 -4.33
N ASP A 257 18.75 14.25 -4.54
CA ASP A 257 19.68 13.52 -5.41
C ASP A 257 20.50 12.41 -4.75
N ASP A 258 20.36 12.26 -3.45
CA ASP A 258 21.16 11.29 -2.72
C ASP A 258 20.29 10.19 -2.17
N THR A 259 20.88 9.01 -1.96
CA THR A 259 20.22 8.00 -1.15
C THR A 259 20.32 8.45 0.31
N PRO A 260 19.37 8.01 1.16
CA PRO A 260 18.16 7.26 0.82
C PRO A 260 17.07 8.15 0.23
N GLY A 261 16.31 7.61 -0.72
CA GLY A 261 15.14 8.26 -1.32
C GLY A 261 13.88 7.55 -0.86
N ARG A 262 13.44 6.55 -1.63
CA ARG A 262 12.19 5.90 -1.27
C ARG A 262 12.34 5.02 -0.03
N ASP A 263 13.57 4.68 0.40
CA ASP A 263 13.72 4.02 1.70
C ASP A 263 14.21 4.90 2.84
N SER A 264 14.15 6.23 2.63
CA SER A 264 14.30 7.21 3.72
C SER A 264 13.09 7.11 4.63
N TRP A 265 13.29 7.37 5.92
CA TRP A 265 12.21 7.42 6.91
C TRP A 265 11.04 8.31 6.46
N GLY A 266 11.37 9.45 5.86
CA GLY A 266 10.35 10.36 5.33
C GLY A 266 9.42 9.75 4.29
N TYR A 267 9.95 8.90 3.43
CA TYR A 267 9.14 8.23 2.42
C TYR A 267 8.44 7.00 2.95
N LEU A 268 9.09 6.29 3.87
CA LEU A 268 8.47 5.11 4.47
C LEU A 268 7.24 5.44 5.31
N LEU A 269 7.28 6.51 6.08
CA LEU A 269 6.16 6.87 6.96
C LEU A 269 4.99 7.52 6.20
N ASN A 270 5.28 8.02 5.01
CA ASN A 270 4.29 8.81 4.28
C ASN A 270 3.23 7.93 3.62
N TRP A 271 1.97 8.31 3.81
CA TRP A 271 0.83 7.56 3.27
C TRP A 271 0.95 7.42 1.76
N TYR A 272 1.44 8.48 1.12
CA TYR A 272 1.59 8.56 -0.33
C TYR A 272 2.90 7.97 -0.86
N GLY A 273 3.77 7.57 0.06
CA GLY A 273 5.08 6.95 -0.25
C GLY A 273 4.94 5.44 -0.12
N TYR A 274 5.67 4.83 0.82
CA TYR A 274 5.55 3.38 0.95
CA TYR A 274 5.61 3.38 1.01
C TYR A 274 4.62 2.94 2.08
N GLN A 275 4.03 3.89 2.81
CA GLN A 275 2.90 3.60 3.70
C GLN A 275 3.20 2.46 4.68
N LYS A 276 4.37 2.51 5.31
CA LYS A 276 4.86 1.42 6.13
C LYS A 276 4.33 1.40 7.55
N GLY A 277 3.82 2.53 8.01
CA GLY A 277 3.37 2.62 9.38
C GLY A 277 2.45 3.79 9.64
N PHE A 278 1.77 3.71 10.78
CA PHE A 278 0.81 4.69 11.26
C PHE A 278 1.14 5.03 12.67
N VAL A 279 0.61 6.14 13.21
CA VAL A 279 0.46 6.22 14.65
C VAL A 279 -0.61 5.21 15.06
N THR A 280 -0.56 4.78 16.30
CA THR A 280 -1.58 3.88 16.83
C THR A 280 -2.85 4.67 17.19
N GLN A 281 -3.94 3.96 17.39
CA GLN A 281 -5.18 4.57 17.82
CA GLN A 281 -5.18 4.56 17.83
C GLN A 281 -4.97 5.27 19.17
N LYS A 282 -4.17 4.67 20.05
CA LYS A 282 -3.87 5.26 21.36
C LYS A 282 -3.23 6.64 21.20
N TYR A 283 -2.25 6.78 20.33
CA TYR A 283 -1.59 8.07 20.17
C TYR A 283 -2.56 9.09 19.54
N ALA A 284 -3.28 8.66 18.52
CA ALA A 284 -4.21 9.53 17.83
C ALA A 284 -5.26 10.05 18.81
N GLU A 285 -5.83 9.14 19.59
CA GLU A 285 -6.83 9.51 20.61
C GLU A 285 -6.29 10.45 21.70
N GLN A 286 -5.08 10.18 22.20
CA GLN A 286 -4.33 11.04 23.14
C GLN A 286 -4.35 12.50 22.58
N LEU A 288 -5.99 13.92 19.75
CA LEU A 288 -7.21 14.53 19.20
C LEU A 288 -8.20 14.91 20.30
N ALA A 289 -8.05 14.34 21.49
CA ALA A 289 -8.76 14.81 22.67
C ALA A 289 -8.32 16.21 23.12
N ASP A 290 -7.18 16.69 22.62
CA ASP A 290 -6.65 18.03 22.93
C ASP A 290 -6.33 18.80 21.66
N PRO A 291 -7.38 19.28 20.97
CA PRO A 291 -7.18 19.86 19.64
C PRO A 291 -6.35 21.14 19.66
N GLY A 292 -6.24 21.77 20.81
CA GLY A 292 -5.40 22.93 20.97
C GLY A 292 -3.91 22.61 20.99
N ASP A 293 -3.54 21.33 21.06
CA ASP A 293 -2.11 20.97 21.08
C ASP A 293 -1.63 20.82 19.65
N VAL A 294 -0.64 21.64 19.28
CA VAL A 294 -0.12 21.68 17.90
CA VAL A 294 -0.15 21.66 17.90
C VAL A 294 0.51 20.37 17.42
N ARG A 295 0.93 19.50 18.34
CA ARG A 295 1.54 18.25 17.93
C ARG A 295 0.56 17.33 17.19
N GLY A 296 -0.73 17.46 17.51
CA GLY A 296 -1.79 16.76 16.79
C GLY A 296 -1.98 17.18 15.36
N HIS A 297 -1.53 18.38 15.02
CA HIS A 297 -1.64 18.88 13.66
C HIS A 297 -0.68 18.18 12.69
N LEU A 298 0.25 17.40 13.22
CA LEU A 298 1.11 16.53 12.41
C LEU A 298 0.44 15.20 12.05
N LEU A 299 -0.77 14.93 12.54
CA LEU A 299 -1.45 13.70 12.20
C LEU A 299 -2.36 13.90 11.02
N GLU A 300 -2.44 12.88 10.16
CA GLU A 300 -3.28 12.93 8.98
C GLU A 300 -4.19 11.72 8.94
N GLU A 301 -5.48 11.98 8.80
CA GLU A 301 -6.48 10.92 8.85
C GLU A 301 -6.64 10.27 7.48
N ASN A 302 -6.80 8.95 7.47
CA ASN A 302 -7.19 8.26 6.24
C ASN A 302 -7.87 6.94 6.61
N LYS A 303 -7.98 6.02 5.65
CA LYS A 303 -8.81 4.83 5.79
C LYS A 303 -7.98 3.66 5.32
N TYR A 304 -7.93 2.64 6.16
CA TYR A 304 -7.15 1.45 5.91
C TYR A 304 -7.84 0.25 6.53
N ALA A 305 -7.96 -0.82 5.72
CA ALA A 305 -8.66 -2.05 6.11
C ALA A 305 -10.02 -1.75 6.78
N GLY A 306 -10.78 -0.86 6.13
CA GLY A 306 -12.13 -0.55 6.57
C GLY A 306 -12.27 0.20 7.89
N LYS A 307 -11.18 0.85 8.32
CA LYS A 307 -11.17 1.63 9.57
C LYS A 307 -10.51 2.98 9.36
N THR A 308 -10.83 3.95 10.22
CA THR A 308 -10.05 5.18 10.26
C THR A 308 -8.70 4.91 10.91
N VAL A 309 -7.66 5.40 10.27
CA VAL A 309 -6.33 5.38 10.88
C VAL A 309 -5.70 6.76 10.72
N TRP A 310 -4.61 6.97 11.43
CA TRP A 310 -3.87 8.22 11.33
C TRP A 310 -2.40 7.91 11.06
N TRP A 311 -1.81 8.65 10.11
CA TRP A 311 -0.40 8.52 9.82
C TRP A 311 0.29 9.78 10.27
N LEU A 312 1.59 9.69 10.42
CA LEU A 312 2.38 10.74 11.03
C LEU A 312 3.06 11.54 9.92
N TYR A 313 2.67 12.79 9.81
CA TYR A 313 3.22 13.67 8.85
C TYR A 313 4.18 14.68 9.52
N LYS A 314 5.23 14.10 10.08
CA LYS A 314 6.26 14.86 10.74
C LYS A 314 7.44 15.16 9.80
N LEU A 315 7.63 14.37 8.76
CA LEU A 315 8.66 14.67 7.78
C LEU A 315 7.95 15.24 6.56
N ARG A 316 7.91 16.56 6.51
CA ARG A 316 6.94 17.26 5.67
C ARG A 316 7.62 17.77 4.39
N GLY A 317 7.07 17.40 3.25
CA GLY A 317 7.55 17.90 1.97
C GLY A 317 6.78 19.16 1.62
N THR A 318 6.97 19.65 0.40
CA THR A 318 6.27 20.83 -0.09
C THR A 318 4.85 20.55 -0.58
N ASP A 319 4.49 19.29 -0.80
CA ASP A 319 3.15 18.89 -1.26
C ASP A 319 2.57 17.76 -0.39
N LEU A 320 1.39 18.00 0.22
CA LEU A 320 0.77 16.98 1.11
C LEU A 320 0.75 15.60 0.47
N LYS A 321 0.35 15.53 -0.81
CA LYS A 321 0.11 14.23 -1.44
C LYS A 321 1.23 13.68 -2.34
N THR A 322 2.44 14.21 -2.15
CA THR A 322 3.65 13.64 -2.70
C THR A 322 4.61 13.34 -1.55
N ALA A 323 5.04 12.08 -1.42
CA ALA A 323 5.96 11.68 -0.36
C ALA A 323 7.33 12.23 -0.70
N PRO A 324 8.01 12.83 0.29
CA PRO A 324 9.32 13.45 0.06
C PRO A 324 10.50 12.46 0.01
N LEU A 325 11.46 12.73 -0.84
CA LEU A 325 12.69 11.92 -0.94
C LEU A 325 13.86 12.51 -0.13
N GLU A 326 13.71 13.75 0.34
CA GLU A 326 14.85 14.55 0.78
C GLU A 326 14.77 14.97 2.25
N CYS A 327 13.87 14.38 3.04
CA CYS A 327 13.76 14.79 4.44
C CYS A 327 14.98 14.39 5.26
N ASN A 328 15.46 15.32 6.08
CA ASN A 328 16.49 15.10 7.07
C ASN A 328 15.88 14.44 8.32
N ASN A 329 16.64 13.56 8.97
CA ASN A 329 16.16 12.93 10.19
C ASN A 329 16.88 13.56 11.37
N VAL A 330 16.11 14.17 12.25
CA VAL A 330 16.61 14.75 13.48
CA VAL A 330 16.67 14.78 13.42
C VAL A 330 17.13 13.68 14.40
N VAL A 331 18.32 13.87 14.97
CA VAL A 331 18.92 12.94 15.92
C VAL A 331 19.00 13.55 17.34
N LEU A 332 19.37 14.82 17.43
CA LEU A 332 19.45 15.55 18.70
C LEU A 332 18.89 16.95 18.51
N ARG A 333 17.81 17.23 19.24
CA ARG A 333 17.22 18.56 19.23
C ARG A 333 16.91 19.07 20.63
N LEU A 334 16.77 20.38 20.73
CA LEU A 334 16.59 21.08 22.02
C LEU A 334 15.44 20.57 22.90
N SER A 335 14.25 20.31 22.34
CA SER A 335 13.13 19.81 23.15
C SER A 335 13.51 18.55 23.95
N GLU A 336 14.31 17.66 23.38
CA GLU A 336 14.73 16.48 24.17
C GLU A 336 15.45 16.88 25.44
N VAL A 337 16.32 17.87 25.36
CA VAL A 337 17.10 18.31 26.50
C VAL A 337 16.19 18.83 27.63
N TYR A 338 15.16 19.60 27.26
CA TYR A 338 14.14 20.02 28.22
C TYR A 338 13.51 18.81 28.90
N LEU A 339 13.14 17.80 28.11
CA LEU A 339 12.54 16.58 28.69
C LEU A 339 13.54 15.77 29.52
N ILE A 340 14.83 15.75 29.14
CA ILE A 340 15.85 15.11 30.00
C ILE A 340 15.94 15.82 31.37
N ALA A 341 16.01 17.14 31.36
CA ALA A 341 16.02 17.89 32.62
C ALA A 341 14.74 17.60 33.45
N ALA A 342 13.60 17.56 32.77
CA ALA A 342 12.31 17.29 33.42
C ALA A 342 12.29 15.91 34.03
N GLU A 343 12.79 14.91 33.29
CA GLU A 343 12.78 13.52 33.81
C GLU A 343 13.74 13.33 35.00
N ALA A 344 14.96 13.82 34.83
CA ALA A 344 15.98 13.67 35.85
C ALA A 344 15.59 14.47 37.10
N GLY A 345 15.07 15.68 36.89
CA GLY A 345 14.58 16.52 38.01
C GLY A 345 13.48 15.82 38.81
N CYS A 346 12.55 15.19 38.09
CA CYS A 346 11.51 14.45 38.72
C CYS A 346 12.11 13.31 39.57
N LYS A 347 13.08 12.59 39.03
CA LYS A 347 13.71 11.50 39.77
C LYS A 347 14.53 11.97 40.96
N LEU A 348 15.11 13.17 40.87
CA LEU A 348 15.92 13.72 41.95
C LEU A 348 15.14 14.33 43.13
N GLY A 349 13.97 14.89 42.87
CA GLY A 349 13.29 15.70 43.87
C GLY A 349 13.99 17.01 44.20
N GLY A 350 13.54 17.66 45.27
CA GLY A 350 14.16 18.89 45.71
C GLY A 350 14.15 20.02 44.68
N ASP A 351 15.21 20.80 44.69
CA ASP A 351 15.37 21.95 43.80
C ASP A 351 15.41 21.53 42.35
N ALA A 352 16.04 20.41 42.06
CA ALA A 352 16.07 19.87 40.69
C ALA A 352 14.67 19.62 40.17
N ALA A 353 13.78 19.13 41.05
CA ALA A 353 12.37 18.93 40.68
C ALA A 353 11.66 20.24 40.38
N VAL A 354 11.85 21.26 41.21
CA VAL A 354 11.25 22.56 40.95
C VAL A 354 11.67 23.07 39.56
N GLN A 355 12.98 23.04 39.30
CA GLN A 355 13.52 23.50 38.02
C GLN A 355 13.04 22.62 36.85
N GLY A 356 12.99 21.30 37.07
CA GLY A 356 12.61 20.36 36.02
C GLY A 356 11.15 20.51 35.67
N LEU A 357 10.35 20.87 36.67
CA LEU A 357 8.94 21.17 36.41
C LEU A 357 8.80 22.40 35.50
N GLY A 358 9.66 23.39 35.73
CA GLY A 358 9.70 24.60 34.91
C GLY A 358 9.97 24.23 33.44
N TYR A 359 10.97 23.39 33.25
CA TYR A 359 11.30 22.91 31.90
C TYR A 359 10.19 22.06 31.28
N LEU A 360 9.57 21.20 32.09
CA LEU A 360 8.46 20.38 31.61
C LEU A 360 7.37 21.31 31.09
N ASN A 361 7.01 22.34 31.88
CA ASN A 361 5.94 23.28 31.49
C ASN A 361 6.26 24.05 30.24
N GLU A 362 7.54 24.38 30.05
CA GLU A 362 7.89 25.06 28.79
C GLU A 362 7.49 24.25 27.58
N ILE A 363 7.67 22.93 27.65
CA ILE A 363 7.33 22.06 26.52
C ILE A 363 5.81 21.85 26.45
N VAL A 364 5.18 21.67 27.61
CA VAL A 364 3.72 21.48 27.67
C VAL A 364 3.01 22.67 27.07
N LYS A 365 3.45 23.87 27.46
CA LYS A 365 2.79 25.09 27.05
C LYS A 365 3.10 25.48 25.62
N ARG A 366 4.28 25.11 25.13
CA ARG A 366 4.57 25.32 23.70
C ARG A 366 3.60 24.46 22.89
N GLY A 367 3.34 23.24 23.35
CA GLY A 367 2.38 22.36 22.69
C GLY A 367 0.97 22.94 22.69
N ASN A 368 0.51 23.40 23.85
CA ASN A 368 -0.81 24.05 24.02
C ASN A 368 -0.72 25.03 25.20
N PRO A 369 -0.77 26.34 24.94
CA PRO A 369 -0.60 27.30 26.02
C PRO A 369 -1.68 27.24 27.12
N ASP A 370 -2.81 26.57 26.84
CA ASP A 370 -3.87 26.40 27.82
C ASP A 370 -3.59 25.27 28.85
N ASN A 371 -2.52 24.51 28.64
CA ASN A 371 -2.20 23.37 29.50
C ASN A 371 -1.09 23.74 30.47
N GLU A 372 -1.01 22.97 31.54
CA GLU A 372 0.09 23.13 32.50
C GLU A 372 0.34 21.83 33.22
N VAL A 373 1.48 21.70 33.90
CA VAL A 373 1.64 20.61 34.87
C VAL A 373 1.92 21.23 36.23
N THR A 374 1.03 20.98 37.20
CA THR A 374 1.22 21.41 38.59
C THR A 374 2.17 20.42 39.29
N ALA A 376 1.74 18.75 41.93
CA ALA A 376 0.99 17.56 42.37
C ALA A 376 0.94 16.50 41.26
N ASP A 377 0.97 16.96 40.01
CA ASP A 377 0.88 16.07 38.84
C ASP A 377 2.26 15.75 38.22
N TYR A 378 3.34 16.19 38.86
CA TYR A 378 4.70 16.02 38.31
C TYR A 378 5.27 14.67 38.70
N THR A 379 4.89 13.66 37.92
CA THR A 379 5.27 12.29 38.11
C THR A 379 6.11 11.83 36.92
N LEU A 380 6.85 10.74 37.09
CA LEU A 380 7.60 10.16 35.97
C LEU A 380 6.69 9.83 34.77
N ASP A 381 5.52 9.22 35.03
CA ASP A 381 4.59 8.90 33.93
C ASP A 381 4.16 10.14 33.15
N ARG A 382 3.99 11.25 33.86
CA ARG A 382 3.61 12.48 33.22
C ARG A 382 4.72 12.99 32.30
N VAL A 383 5.96 12.85 32.71
CA VAL A 383 7.07 13.26 31.86
C VAL A 383 7.19 12.29 30.67
N LEU A 384 6.97 10.99 30.92
CA LEU A 384 7.04 10.04 29.81
C LEU A 384 5.90 10.25 28.81
N ASP A 385 4.71 10.62 29.30
CA ASP A 385 3.60 11.00 28.41
C ASP A 385 3.96 12.23 27.58
N GLU A 386 4.71 13.17 28.17
CA GLU A 386 5.15 14.35 27.41
C GLU A 386 6.14 13.95 26.31
N ARG A 387 7.06 13.04 26.65
CA ARG A 387 7.97 12.46 25.67
C ARG A 387 7.22 11.77 24.54
N SER A 388 6.20 10.98 24.89
CA SER A 388 5.36 10.34 23.90
C SER A 388 4.83 11.36 22.86
N LYS A 389 4.25 12.44 23.38
CA LYS A 389 3.67 13.51 22.56
C LYS A 389 4.70 14.18 21.68
N GLU A 390 5.81 14.54 22.29
CA GLU A 390 6.81 15.38 21.64
C GLU A 390 7.69 14.64 20.65
N LEU A 391 8.04 13.40 20.96
CA LEU A 391 9.15 12.72 20.25
C LEU A 391 8.68 11.57 19.35
N VAL A 392 7.36 11.50 19.11
CA VAL A 392 6.82 10.50 18.19
C VAL A 392 7.52 10.60 16.82
N GLY A 393 7.90 9.44 16.29
CA GLY A 393 8.57 9.44 14.99
C GLY A 393 10.08 9.65 15.05
N GLU A 394 10.62 9.93 16.24
CA GLU A 394 12.02 10.31 16.42
C GLU A 394 12.83 9.20 17.10
N GLY A 395 12.22 8.05 17.29
CA GLY A 395 12.97 6.85 17.68
C GLY A 395 13.22 6.66 19.16
N HIS A 396 12.37 7.25 20.01
CA HIS A 396 12.61 7.22 21.47
C HIS A 396 11.70 6.28 22.25
N ARG A 397 10.43 6.19 21.86
CA ARG A 397 9.39 5.62 22.75
C ARG A 397 9.71 4.25 23.33
N PHE A 398 10.10 3.30 22.48
CA PHE A 398 10.48 2.00 22.99
C PHE A 398 11.53 2.07 24.08
N PHE A 399 12.61 2.80 23.82
CA PHE A 399 13.73 2.89 24.74
C PHE A 399 13.34 3.60 26.03
N ASP A 400 12.50 4.63 25.91
CA ASP A 400 12.11 5.43 27.08
C ASP A 400 11.22 4.64 28.05
N LEU A 401 10.33 3.82 27.50
CA LEU A 401 9.49 2.99 28.35
C LEU A 401 10.34 1.88 28.98
N LEU A 402 11.14 1.20 28.16
CA LEU A 402 11.83 0.01 28.65
CA LEU A 402 11.89 0.02 28.60
C LEU A 402 12.89 0.37 29.69
N ARG A 403 13.63 1.48 29.49
CA ARG A 403 14.69 1.86 30.45
C ARG A 403 14.13 2.32 31.79
N ASN A 404 12.84 2.69 31.82
CA ASN A 404 12.18 3.00 33.07
C ASN A 404 11.40 1.83 33.66
N GLY A 405 11.68 0.63 33.16
CA GLY A 405 11.06 -0.57 33.67
C GLY A 405 9.56 -0.63 33.47
N LYS A 406 9.06 0.03 32.43
CA LYS A 406 7.62 -0.01 32.13
C LYS A 406 7.23 -1.18 31.25
N THR A 407 5.95 -1.55 31.27
CA THR A 407 5.41 -2.52 30.32
C THR A 407 4.79 -1.72 29.18
N ILE A 408 5.24 -2.00 27.97
CA ILE A 408 4.67 -1.36 26.77
C ILE A 408 3.42 -2.16 26.41
N VAL A 409 2.27 -1.48 26.42
CA VAL A 409 0.99 -2.11 26.11
C VAL A 409 0.57 -1.74 24.69
N ARG A 410 0.42 -2.77 23.87
CA ARG A 410 0.16 -2.65 22.44
C ARG A 410 -0.98 -3.59 22.11
N LYS A 411 -2.19 -3.13 22.36
CA LYS A 411 -3.37 -3.95 22.14
C LYS A 411 -4.57 -3.10 21.74
N GLY A 412 -5.55 -3.76 21.14
CA GLY A 412 -6.75 -3.09 20.65
C GLY A 412 -6.46 -2.14 19.50
N GLY A 413 -7.31 -1.13 19.37
CA GLY A 413 -7.21 -0.15 18.31
C GLY A 413 -7.26 -0.80 16.94
N TYR A 414 -6.28 -0.48 16.11
CA TYR A 414 -6.09 -1.14 14.84
C TYR A 414 -4.73 -1.83 14.76
N HIS A 415 -4.25 -2.31 15.89
CA HIS A 415 -3.07 -3.16 15.91
C HIS A 415 -3.27 -4.40 15.03
N LEU A 416 -2.17 -4.88 14.46
CA LEU A 416 -2.21 -6.08 13.63
C LEU A 416 -2.36 -7.35 14.45
N PRO A 417 -2.89 -8.41 13.81
CA PRO A 417 -2.98 -9.68 14.54
C PRO A 417 -1.61 -10.17 15.02
N SER A 418 -1.58 -10.83 16.15
CA SER A 418 -0.39 -11.44 16.69
C SER A 418 0.70 -10.49 17.15
N VAL A 419 0.41 -9.19 17.21
CA VAL A 419 1.35 -8.25 17.83
C VAL A 419 1.64 -8.72 19.28
N ASP A 420 2.86 -8.50 19.73
CA ASP A 420 3.19 -8.76 21.15
C ASP A 420 2.55 -7.66 22.00
N GLU A 421 1.56 -8.05 22.80
CA GLU A 421 0.71 -7.06 23.46
C GLU A 421 1.32 -6.43 24.72
N GLU A 422 2.25 -7.13 25.35
CA GLU A 422 2.96 -6.58 26.50
C GLU A 422 4.44 -6.86 26.33
N VAL A 423 5.24 -5.79 26.33
CA VAL A 423 6.69 -5.90 26.17
C VAL A 423 7.36 -5.18 27.35
N ASP A 424 8.28 -5.86 28.01
CA ASP A 424 9.04 -5.24 29.09
C ASP A 424 10.46 -5.75 29.01
N TRP A 425 11.29 -5.40 29.97
CA TRP A 425 12.71 -5.73 29.87
C TRP A 425 13.05 -7.20 30.18
N ASP A 426 12.03 -8.01 30.44
CA ASP A 426 12.21 -9.47 30.62
C ASP A 426 11.88 -10.22 29.34
N PHE A 427 11.34 -9.51 28.34
CA PHE A 427 11.04 -10.13 27.04
C PHE A 427 12.32 -10.35 26.26
N TYR A 428 12.55 -11.60 25.83
CA TYR A 428 13.87 -11.94 25.30
C TYR A 428 14.19 -11.19 24.02
N LYS A 429 13.15 -10.73 23.33
CA LYS A 429 13.35 -10.00 22.08
C LYS A 429 13.37 -8.48 22.28
N CYS A 430 13.49 -8.03 23.54
CA CYS A 430 13.75 -6.60 23.78
C CYS A 430 15.18 -6.20 23.43
N VAL A 431 15.99 -7.19 23.06
CA VAL A 431 17.25 -7.00 22.37
C VAL A 431 17.25 -7.80 21.08
N LEU A 432 18.05 -7.32 20.11
CA LEU A 432 18.26 -8.07 18.87
C LEU A 432 19.21 -9.24 19.10
N PRO A 433 19.10 -10.28 18.25
CA PRO A 433 20.09 -11.33 18.38
C PRO A 433 21.45 -10.96 17.75
N ILE A 434 22.50 -11.55 18.28
CA ILE A 434 23.82 -11.49 17.69
C ILE A 434 23.75 -12.21 16.32
N PRO A 435 24.23 -11.59 15.24
CA PRO A 435 24.18 -12.24 13.91
C PRO A 435 24.93 -13.56 13.91
N GLU A 436 24.35 -14.55 13.26
CA GLU A 436 24.88 -15.91 13.26
C GLU A 436 26.34 -15.94 12.77
N ASP A 437 26.68 -15.10 11.79
CA ASP A 437 28.04 -15.15 11.24
C ASP A 437 29.14 -14.73 12.20
N GLN A 438 28.80 -14.05 13.30
CA GLN A 438 29.79 -13.83 14.36
C GLN A 438 30.36 -15.12 14.95
N PHE A 439 29.60 -16.22 14.92
CA PHE A 439 30.05 -17.49 15.53
C PHE A 439 31.06 -18.27 14.68
N ILE A 440 31.31 -17.80 13.44
CA ILE A 440 32.33 -18.40 12.56
C ILE A 440 33.69 -18.27 13.24
N PHE A 441 34.07 -17.04 13.61
CA PHE A 441 35.38 -16.79 14.23
C PHE A 441 35.35 -16.85 15.75
N SER A 442 34.16 -16.67 16.34
CA SER A 442 33.99 -16.68 17.80
C SER A 442 32.85 -17.66 18.22
N PRO A 443 33.08 -18.97 18.06
CA PRO A 443 32.06 -19.96 18.35
C PRO A 443 31.60 -20.00 19.82
N GLU A 444 32.41 -19.51 20.74
CA GLU A 444 32.04 -19.51 22.15
CA GLU A 444 32.07 -19.50 22.16
C GLU A 444 31.39 -18.19 22.62
N GLU A 446 28.52 -15.76 23.35
CA GLU A 446 27.14 -16.04 23.76
C GLU A 446 26.14 -15.33 22.88
N GLN A 447 25.07 -16.05 22.53
CA GLN A 447 23.91 -15.47 21.89
C GLN A 447 23.05 -14.86 22.99
N ASN A 448 22.28 -13.84 22.67
CA ASN A 448 21.33 -13.31 23.65
C ASN A 448 20.34 -14.40 24.05
N PRO A 449 19.96 -14.41 25.33
CA PRO A 449 19.12 -15.48 25.88
C PRO A 449 17.81 -15.60 25.10
N GLY A 450 17.32 -16.82 24.93
CA GLY A 450 16.05 -17.05 24.27
C GLY A 450 16.17 -17.32 22.78
N TYR A 451 17.13 -16.69 22.13
CA TYR A 451 17.31 -16.87 20.70
C TYR A 451 17.95 -18.23 20.44
N PRO A 452 17.69 -18.85 19.27
CA PRO A 452 18.35 -20.12 18.94
C PRO A 452 19.82 -19.91 18.60
N LYS A 453 20.63 -20.94 18.77
CA LYS A 453 22.01 -20.97 18.30
C LYS A 453 22.18 -22.29 17.53
N ASN A 454 22.27 -22.19 16.21
CA ASN A 454 22.32 -23.38 15.33
C ASN A 454 23.64 -24.12 15.56
N PHE B 10 -7.12 -34.79 -30.79
CA PHE B 10 -8.54 -35.06 -30.41
C PHE B 10 -8.85 -36.55 -30.41
N ARG B 11 -8.51 -37.23 -29.33
CA ARG B 11 -8.85 -38.64 -29.15
C ARG B 11 -9.34 -38.93 -27.73
N THR B 12 -8.68 -38.39 -26.71
CA THR B 12 -9.05 -38.66 -25.30
C THR B 12 -9.78 -37.50 -24.63
N VAL B 13 -10.43 -37.80 -23.50
CA VAL B 13 -11.03 -36.75 -22.67
C VAL B 13 -9.96 -35.70 -22.21
N THR B 14 -8.74 -36.17 -21.97
CA THR B 14 -7.62 -35.28 -21.63
C THR B 14 -7.28 -34.30 -22.78
N ASP B 15 -7.32 -34.78 -24.01
CA ASP B 15 -7.11 -33.94 -25.17
C ASP B 15 -8.20 -32.87 -25.29
N VAL B 16 -9.42 -33.25 -24.95
CA VAL B 16 -10.52 -32.30 -25.00
C VAL B 16 -10.32 -31.23 -23.94
N ASP B 17 -9.90 -31.65 -22.75
CA ASP B 17 -9.56 -30.73 -21.66
C ASP B 17 -8.49 -29.71 -22.10
N ASN B 18 -7.42 -30.18 -22.69
CA ASN B 18 -6.35 -29.29 -23.15
C ASN B 18 -6.83 -28.35 -24.24
N ALA B 19 -7.69 -28.84 -25.12
CA ALA B 19 -8.31 -28.01 -26.15
C ALA B 19 -9.18 -26.91 -25.52
N VAL B 20 -9.99 -27.30 -24.53
CA VAL B 20 -10.85 -26.33 -23.83
C VAL B 20 -9.98 -25.28 -23.13
N ASN B 21 -8.90 -25.71 -22.48
CA ASN B 21 -7.91 -24.82 -21.89
C ASN B 21 -7.40 -23.77 -22.88
N GLY B 22 -7.06 -24.21 -24.10
CA GLY B 22 -6.60 -23.32 -25.17
C GLY B 22 -7.58 -22.22 -25.54
N LEU B 23 -8.89 -22.49 -25.39
CA LEU B 23 -9.90 -21.47 -25.66
C LEU B 23 -9.66 -20.32 -24.69
N TYR B 24 -9.40 -20.65 -23.43
CA TYR B 24 -9.10 -19.64 -22.42
C TYR B 24 -7.78 -18.90 -22.66
N ASP B 25 -6.77 -19.62 -23.15
CA ASP B 25 -5.51 -18.97 -23.51
C ASP B 25 -5.79 -17.88 -24.55
N LEU B 26 -6.61 -18.21 -25.53
CA LEU B 26 -7.01 -17.23 -26.56
C LEU B 26 -7.84 -16.08 -25.97
N SER B 28 -7.57 -14.82 -23.00
CA SER B 28 -6.74 -14.00 -22.17
C SER B 28 -5.91 -12.97 -22.94
N GLY B 29 -5.90 -13.06 -24.26
CA GLY B 29 -5.18 -12.07 -25.08
C GLY B 29 -5.63 -10.64 -24.77
N SER B 30 -4.70 -9.70 -24.88
CA SER B 30 -4.99 -8.29 -24.63
C SER B 30 -6.12 -7.73 -25.52
N GLY B 31 -6.29 -8.30 -26.71
CA GLY B 31 -7.35 -7.87 -27.61
C GLY B 31 -8.76 -8.28 -27.20
N TYR B 32 -8.87 -9.17 -26.21
CA TYR B 32 -10.16 -9.58 -25.67
C TYR B 32 -10.24 -9.38 -24.13
N TYR B 33 -10.15 -10.47 -23.32
CA TYR B 33 -10.28 -10.36 -21.87
C TYR B 33 -8.96 -10.05 -21.11
N GLY B 34 -7.87 -9.89 -21.86
CA GLY B 34 -6.64 -9.36 -21.29
C GLY B 34 -6.70 -7.89 -20.95
N ALA B 35 -7.53 -7.12 -21.68
CA ALA B 35 -7.64 -5.69 -21.51
C ALA B 35 -8.80 -5.05 -22.28
N ALA B 36 -8.93 -5.35 -23.57
CA ALA B 36 -9.83 -4.60 -24.44
C ALA B 36 -11.31 -4.60 -23.99
N PHE B 38 -12.51 -4.61 -21.00
CA PHE B 38 -12.61 -3.67 -19.87
C PHE B 38 -12.43 -2.23 -20.32
N ALA B 39 -11.44 -1.96 -21.18
CA ALA B 39 -11.36 -0.64 -21.82
C ALA B 39 -12.69 -0.25 -22.43
N TYR B 40 -13.33 -1.19 -23.12
CA TYR B 40 -14.58 -0.93 -23.83
C TYR B 40 -15.71 -0.54 -22.83
N GLY B 41 -15.95 -1.38 -21.84
CA GLY B 41 -17.05 -1.20 -20.93
C GLY B 41 -16.87 -0.05 -19.95
N ASP B 42 -15.61 0.23 -19.57
CA ASP B 42 -15.34 1.33 -18.63
C ASP B 42 -15.13 2.68 -19.29
N LYS B 44 -16.07 3.93 -22.03
CA LYS B 44 -17.27 4.44 -22.70
C LYS B 44 -18.39 4.88 -21.76
N GLY B 45 -18.24 4.62 -20.47
CA GLY B 45 -19.19 5.08 -19.46
C GLY B 45 -18.82 6.43 -18.94
N ASP B 46 -19.29 6.73 -17.73
CA ASP B 46 -19.08 8.04 -17.09
C ASP B 46 -18.14 7.99 -15.89
N ASP B 47 -17.63 6.82 -15.55
CA ASP B 47 -16.82 6.62 -14.35
C ASP B 47 -15.32 6.44 -14.55
N GLN B 49 -12.06 7.40 -17.61
CA GLN B 49 -11.70 8.10 -18.81
C GLN B 49 -10.24 7.87 -19.17
N SER B 50 -9.89 8.20 -20.41
CA SER B 50 -8.53 8.10 -20.87
C SER B 50 -7.67 9.22 -20.31
N SER B 51 -6.38 8.95 -20.14
CA SER B 51 -5.38 10.02 -20.03
C SER B 51 -5.08 10.53 -21.44
N GLU B 52 -4.03 11.33 -21.59
CA GLU B 52 -3.63 11.81 -22.90
C GLU B 52 -2.83 10.75 -23.68
N GLU B 53 -2.50 9.63 -23.04
CA GLU B 53 -1.73 8.58 -23.68
C GLU B 53 -2.58 7.85 -24.74
N SER B 54 -1.88 7.34 -25.76
CA SER B 54 -2.50 6.64 -26.88
CA SER B 54 -2.52 6.66 -26.89
C SER B 54 -2.88 5.21 -26.55
N GLY B 55 -3.70 4.62 -27.40
CA GLY B 55 -4.08 3.21 -27.24
C GLY B 55 -5.56 2.96 -27.04
N VAL B 56 -5.85 1.72 -26.67
CA VAL B 56 -7.22 1.24 -26.63
C VAL B 56 -8.12 1.97 -25.63
N CYS B 57 -7.56 2.38 -24.48
CA CYS B 57 -8.36 3.21 -23.57
C CYS B 57 -8.80 4.50 -24.24
N ASN B 58 -7.87 5.18 -24.88
CA ASN B 58 -8.13 6.45 -25.53
C ASN B 58 -9.10 6.32 -26.69
N THR B 59 -8.90 5.35 -27.56
CA THR B 59 -9.83 5.19 -28.70
C THR B 59 -11.23 4.78 -28.24
N CYS B 60 -11.34 3.89 -27.26
CA CYS B 60 -12.67 3.54 -26.69
C CYS B 60 -13.32 4.78 -26.08
N TYR B 61 -12.54 5.53 -25.29
CA TYR B 61 -13.02 6.76 -24.68
C TYR B 61 -13.53 7.78 -25.69
N PHE B 63 -14.54 7.18 -28.73
CA PHE B 63 -15.39 6.52 -29.72
C PHE B 63 -14.76 6.68 -31.10
N ASN B 64 -13.43 6.53 -31.13
CA ASN B 64 -12.65 6.71 -32.33
C ASN B 64 -12.57 5.37 -33.01
N HIS B 65 -13.60 5.00 -33.77
CA HIS B 65 -13.68 3.67 -34.41
C HIS B 65 -14.11 3.86 -35.86
N ARG B 66 -13.51 3.09 -36.77
CA ARG B 66 -13.97 3.12 -38.14
CA ARG B 66 -13.82 3.15 -38.21
C ARG B 66 -13.87 1.75 -38.82
N PRO B 67 -14.67 1.55 -39.88
CA PRO B 67 -14.65 0.25 -40.56
C PRO B 67 -13.24 -0.26 -40.90
N ASN B 68 -12.37 0.63 -41.38
CA ASN B 68 -11.01 0.23 -41.78
C ASN B 68 -10.01 0.20 -40.63
N SER B 69 -10.43 0.57 -39.43
CA SER B 69 -9.57 0.52 -38.25
C SER B 69 -10.46 0.64 -37.01
N LEU B 70 -10.86 -0.51 -36.47
CA LEU B 70 -11.86 -0.53 -35.40
C LEU B 70 -11.34 0.11 -34.11
N ASN B 71 -10.03 0.07 -33.88
CA ASN B 71 -9.45 0.68 -32.69
C ASN B 71 -10.17 0.21 -31.44
N ALA B 72 -10.32 -1.11 -31.34
CA ALA B 72 -11.05 -1.75 -30.24
C ALA B 72 -10.45 -3.10 -30.01
N GLY B 73 -9.11 -3.12 -29.87
CA GLY B 73 -8.39 -4.34 -29.62
C GLY B 73 -8.64 -5.34 -30.71
N SER B 74 -9.06 -6.54 -30.32
CA SER B 74 -9.48 -7.58 -31.28
C SER B 74 -10.90 -8.03 -30.96
N LEU B 75 -11.78 -7.07 -30.65
CA LEU B 75 -13.12 -7.43 -30.19
C LEU B 75 -14.01 -8.07 -31.27
N TRP B 76 -13.65 -7.92 -32.56
CA TRP B 76 -14.26 -8.74 -33.62
C TRP B 76 -13.55 -10.07 -33.80
N GLY B 77 -12.27 -10.02 -34.14
CA GLY B 77 -11.54 -11.19 -34.59
C GLY B 77 -11.31 -12.27 -33.56
N ARG B 78 -10.98 -11.89 -32.33
CA ARG B 78 -10.64 -12.87 -31.31
C ARG B 78 -11.88 -13.68 -30.83
N PRO B 79 -13.02 -13.02 -30.55
CA PRO B 79 -14.17 -13.87 -30.19
C PRO B 79 -14.61 -14.80 -31.33
N PHE B 80 -14.61 -14.31 -32.56
CA PHE B 80 -14.92 -15.18 -33.71
C PHE B 80 -13.91 -16.31 -33.87
N TYR B 81 -12.63 -16.05 -33.67
CA TYR B 81 -11.64 -17.11 -33.73
C TYR B 81 -11.95 -18.18 -32.70
N ILE B 82 -12.25 -17.75 -31.47
CA ILE B 82 -12.56 -18.69 -30.36
C ILE B 82 -13.81 -19.49 -30.66
N LEU B 83 -14.84 -18.83 -31.21
CA LEU B 83 -16.07 -19.51 -31.55
C LEU B 83 -15.81 -20.71 -32.50
N ARG B 84 -14.98 -20.50 -33.52
CA ARG B 84 -14.70 -21.54 -34.51
C ARG B 84 -13.89 -22.67 -33.90
N GLU B 85 -12.92 -22.33 -33.05
CA GLU B 85 -12.17 -23.34 -32.29
C GLU B 85 -13.07 -24.14 -31.34
N ALA B 86 -14.00 -23.45 -30.68
CA ALA B 86 -14.93 -24.15 -29.77
C ALA B 86 -15.86 -25.09 -30.54
N TRP B 87 -16.32 -24.67 -31.72
CA TRP B 87 -17.20 -25.54 -32.50
C TRP B 87 -16.47 -26.80 -33.00
N ASN B 88 -15.17 -26.69 -33.29
CA ASN B 88 -14.39 -27.90 -33.63
C ASN B 88 -14.39 -28.92 -32.50
N ILE B 89 -14.28 -28.44 -31.27
CA ILE B 89 -14.35 -29.30 -30.11
C ILE B 89 -15.73 -29.93 -30.03
N LEU B 90 -16.80 -29.14 -30.14
CA LEU B 90 -18.15 -29.72 -30.07
C LEU B 90 -18.41 -30.77 -31.17
N ASN B 91 -17.94 -30.47 -32.37
CA ASN B 91 -18.18 -31.35 -33.49
C ASN B 91 -17.46 -32.69 -33.36
N ALA B 92 -16.24 -32.66 -32.85
CA ALA B 92 -15.49 -33.89 -32.58
C ALA B 92 -16.22 -34.75 -31.55
N ILE B 93 -16.72 -34.10 -30.48
CA ILE B 93 -17.50 -34.82 -29.45
C ILE B 93 -18.79 -35.42 -30.05
N ALA B 94 -19.52 -34.60 -30.81
CA ALA B 94 -20.79 -35.03 -31.42
C ALA B 94 -20.58 -36.15 -32.42
N GLU B 95 -19.43 -36.19 -33.07
CA GLU B 95 -19.15 -37.22 -34.08
C GLU B 95 -18.62 -38.52 -33.46
N GLY B 96 -18.54 -38.56 -32.13
CA GLY B 96 -18.11 -39.77 -31.43
C GLY B 96 -16.64 -40.06 -31.61
N LYS B 97 -15.83 -39.02 -31.77
CA LYS B 97 -14.41 -39.21 -32.01
C LYS B 97 -13.57 -39.29 -30.73
N ILE B 98 -14.17 -39.03 -29.57
CA ILE B 98 -13.43 -39.10 -28.28
C ILE B 98 -13.60 -40.49 -27.65
N GLU B 99 -12.50 -41.04 -27.10
CA GLU B 99 -12.49 -42.40 -26.54
C GLU B 99 -13.38 -42.51 -25.31
N SER B 100 -13.99 -43.69 -25.16
CA SER B 100 -14.85 -43.98 -24.00
CA SER B 100 -14.84 -44.04 -24.00
C SER B 100 -14.09 -43.96 -22.68
N GLY B 101 -14.85 -43.93 -21.58
CA GLY B 101 -14.26 -44.04 -20.24
C GLY B 101 -14.54 -42.93 -19.25
N ASP B 102 -14.85 -41.73 -19.70
CA ASP B 102 -15.14 -40.67 -18.73
C ASP B 102 -16.21 -39.74 -19.26
N GLU B 103 -17.40 -40.30 -19.36
CA GLU B 103 -18.59 -39.63 -19.89
C GLU B 103 -18.93 -38.37 -19.10
N LYS B 104 -18.84 -38.46 -17.77
CA LYS B 104 -19.24 -37.36 -16.91
C LYS B 104 -18.36 -36.15 -17.17
N LYS B 105 -17.03 -36.35 -17.16
CA LYS B 105 -16.08 -35.29 -17.47
C LYS B 105 -16.24 -34.76 -18.90
N LEU B 106 -16.40 -35.68 -19.85
CA LEU B 106 -16.55 -35.26 -21.24
C LEU B 106 -17.79 -34.37 -21.38
N ASN B 107 -18.90 -34.75 -20.73
CA ASN B 107 -20.07 -33.88 -20.71
C ASN B 107 -19.79 -32.54 -20.04
N ALA B 108 -19.03 -32.54 -18.94
CA ALA B 108 -18.66 -31.29 -18.25
C ALA B 108 -17.90 -30.37 -19.20
N LEU B 109 -16.97 -30.92 -19.97
CA LEU B 109 -16.21 -30.16 -20.97
C LEU B 109 -17.07 -29.70 -22.16
N LYS B 110 -18.04 -30.52 -22.57
CA LYS B 110 -18.95 -30.11 -23.64
C LYS B 110 -19.71 -28.87 -23.20
N GLY B 111 -20.29 -28.97 -22.00
CA GLY B 111 -21.02 -27.86 -21.39
C GLY B 111 -20.17 -26.59 -21.25
N GLU B 112 -18.92 -26.76 -20.85
CA GLU B 112 -18.03 -25.62 -20.63
C GLU B 112 -17.68 -24.98 -21.98
N THR B 113 -17.43 -25.82 -22.98
CA THR B 113 -17.20 -25.34 -24.34
C THR B 113 -18.39 -24.51 -24.83
N ALA B 115 -20.56 -22.89 -22.89
CA ALA B 115 -20.53 -21.64 -22.12
C ALA B 115 -19.55 -20.63 -22.71
N VAL B 116 -18.39 -21.08 -23.19
CA VAL B 116 -17.41 -20.20 -23.86
C VAL B 116 -18.01 -19.65 -25.15
N ILE B 117 -18.72 -20.51 -25.87
CA ILE B 117 -19.42 -20.08 -27.09
C ILE B 117 -20.46 -19.02 -26.76
N ALA B 118 -21.25 -19.26 -25.72
CA ALA B 118 -22.29 -18.31 -25.29
C ALA B 118 -21.66 -16.95 -24.92
N LEU B 119 -20.53 -16.97 -24.23
CA LEU B 119 -19.88 -15.72 -23.82
C LEU B 119 -19.36 -14.94 -25.04
N CYS B 120 -18.71 -15.65 -25.96
CA CYS B 120 -18.11 -15.00 -27.15
C CYS B 120 -19.17 -14.35 -28.00
N GLN B 121 -20.27 -15.07 -28.23
CA GLN B 121 -21.33 -14.54 -29.08
C GLN B 121 -22.08 -13.38 -28.39
N PHE B 122 -22.23 -13.49 -27.07
CA PHE B 122 -22.86 -12.44 -26.27
C PHE B 122 -22.04 -11.14 -26.40
N ASP B 123 -20.73 -11.25 -26.26
CA ASP B 123 -19.85 -10.09 -26.40
C ASP B 123 -19.91 -9.47 -27.80
N LEU B 124 -19.89 -10.32 -28.83
CA LEU B 124 -20.06 -9.82 -30.21
C LEU B 124 -21.40 -9.11 -30.34
N THR B 125 -22.42 -9.63 -29.69
CA THR B 125 -23.76 -9.05 -29.77
C THR B 125 -23.84 -7.64 -29.11
N ARG B 126 -23.29 -7.50 -27.92
CA ARG B 126 -23.39 -6.23 -27.22
C ARG B 126 -22.37 -5.19 -27.74
N CYS B 127 -21.35 -5.66 -28.48
CA CYS B 127 -20.37 -4.78 -29.12
C CYS B 127 -20.80 -4.30 -30.53
N PHE B 128 -21.47 -5.17 -31.29
CA PHE B 128 -21.82 -4.88 -32.69
C PHE B 128 -23.31 -4.70 -33.01
N GLY B 129 -24.19 -4.98 -32.05
CA GLY B 129 -25.60 -4.71 -32.21
C GLY B 129 -26.10 -3.74 -31.15
N TYR B 130 -27.17 -3.04 -31.46
CA TYR B 130 -27.81 -2.17 -30.49
C TYR B 130 -28.40 -3.01 -29.36
N PRO B 131 -28.51 -2.41 -28.17
CA PRO B 131 -28.99 -3.23 -27.06
C PRO B 131 -30.32 -3.92 -27.36
N TYR B 132 -30.46 -5.17 -26.96
CA TYR B 132 -31.70 -5.90 -27.20
C TYR B 132 -32.90 -5.07 -26.73
N THR B 133 -32.76 -4.49 -25.55
CA THR B 133 -33.83 -3.76 -24.90
C THR B 133 -34.26 -2.50 -25.66
N LYS B 134 -33.45 -2.00 -26.60
CA LYS B 134 -33.85 -0.85 -27.42
C LYS B 134 -35.08 -1.16 -28.30
N ASP B 135 -35.15 -2.38 -28.83
CA ASP B 135 -36.06 -2.68 -29.94
C ASP B 135 -36.44 -4.17 -30.03
N LYS B 136 -36.49 -4.84 -28.89
CA LYS B 136 -36.59 -6.29 -28.78
C LYS B 136 -35.66 -7.01 -29.77
N GLY B 137 -34.44 -6.50 -29.90
CA GLY B 137 -33.42 -7.19 -30.68
C GLY B 137 -33.66 -7.16 -32.17
N ALA B 138 -34.38 -6.14 -32.65
CA ALA B 138 -34.71 -6.05 -34.08
C ALA B 138 -33.47 -5.70 -34.89
N SER B 139 -32.53 -4.97 -34.27
CA SER B 139 -31.34 -4.54 -34.99
C SER B 139 -30.42 -5.72 -35.32
N LEU B 140 -29.53 -5.50 -36.28
CA LEU B 140 -28.57 -6.53 -36.65
C LEU B 140 -27.50 -6.62 -35.56
N GLY B 141 -27.15 -7.86 -35.18
CA GLY B 141 -25.95 -8.11 -34.37
C GLY B 141 -24.82 -8.52 -35.29
N ALA B 142 -23.94 -9.37 -34.78
CA ALA B 142 -22.88 -9.95 -35.58
C ALA B 142 -23.37 -11.19 -36.33
N PRO B 143 -22.58 -11.66 -37.29
CA PRO B 143 -22.78 -13.03 -37.75
C PRO B 143 -22.87 -14.01 -36.58
N LEU B 144 -23.73 -15.01 -36.69
CA LEU B 144 -24.01 -15.91 -35.58
C LEU B 144 -23.35 -17.26 -35.81
N ILE B 145 -22.40 -17.66 -34.96
CA ILE B 145 -21.72 -18.96 -35.09
C ILE B 145 -22.50 -19.96 -34.23
N ASP B 146 -23.61 -20.43 -34.78
CA ASP B 146 -24.51 -21.37 -34.09
C ASP B 146 -24.42 -22.79 -34.66
N HIS B 147 -23.31 -23.09 -35.34
CA HIS B 147 -23.03 -24.43 -35.86
C HIS B 147 -21.57 -24.46 -36.26
N LEU B 148 -21.11 -25.61 -36.74
CA LEU B 148 -19.76 -25.69 -37.30
C LEU B 148 -19.79 -24.93 -38.62
N VAL B 149 -19.20 -23.75 -38.63
CA VAL B 149 -19.20 -22.90 -39.82
C VAL B 149 -17.94 -23.18 -40.62
N GLY B 150 -18.09 -23.48 -41.92
CA GLY B 150 -16.93 -23.67 -42.79
C GLY B 150 -15.98 -22.48 -42.78
N THR B 151 -14.68 -22.74 -42.96
CA THR B 151 -13.67 -21.66 -42.99
C THR B 151 -14.03 -20.53 -43.96
N TYR B 152 -14.54 -20.91 -45.11
CA TYR B 152 -14.86 -19.95 -46.17
C TYR B 152 -16.35 -19.66 -46.24
N GLU B 153 -17.08 -20.15 -45.24
CA GLU B 153 -18.45 -19.76 -44.99
C GLU B 153 -18.34 -18.41 -44.27
N ASN B 154 -19.08 -17.43 -44.78
CA ASN B 154 -19.19 -16.13 -44.13
C ASN B 154 -20.66 -15.92 -43.80
N PRO B 155 -21.06 -16.36 -42.59
CA PRO B 155 -22.47 -16.26 -42.29
C PRO B 155 -22.93 -14.81 -42.37
N PRO B 156 -24.19 -14.58 -42.76
CA PRO B 156 -24.71 -13.22 -42.77
C PRO B 156 -24.84 -12.72 -41.34
N ARG B 157 -25.09 -11.42 -41.19
CA ARG B 157 -25.43 -10.89 -39.88
C ARG B 157 -26.82 -11.41 -39.53
N SER B 158 -26.96 -11.90 -38.30
CA SER B 158 -28.25 -12.20 -37.73
C SER B 158 -28.70 -11.02 -36.85
N THR B 159 -29.97 -11.01 -36.46
CA THR B 159 -30.49 -9.98 -35.56
C THR B 159 -29.98 -10.23 -34.14
N VAL B 160 -30.04 -9.18 -33.33
CA VAL B 160 -29.69 -9.30 -31.92
C VAL B 160 -30.65 -10.30 -31.25
N ALA B 161 -31.92 -10.25 -31.63
CA ALA B 161 -32.92 -11.21 -31.10
C ALA B 161 -32.52 -12.66 -31.39
N GLN B 162 -32.12 -12.93 -32.63
CA GLN B 162 -31.69 -14.28 -33.01
C GLN B 162 -30.46 -14.73 -32.24
N ALA B 163 -29.52 -13.81 -32.01
CA ALA B 163 -28.33 -14.10 -31.20
C ALA B 163 -28.69 -14.50 -29.77
N TYR B 164 -29.53 -13.71 -29.13
CA TYR B 164 -29.93 -14.01 -27.76
C TYR B 164 -30.66 -15.37 -27.67
N ASP B 165 -31.53 -15.68 -28.64
CA ASP B 165 -32.22 -16.97 -28.62
C ASP B 165 -31.22 -18.13 -28.56
N PHE B 166 -30.23 -18.07 -29.44
CA PHE B 166 -29.18 -19.07 -29.50
C PHE B 166 -28.31 -19.10 -28.25
N ILE B 167 -27.91 -17.92 -27.79
CA ILE B 167 -27.03 -17.78 -26.63
C ILE B 167 -27.71 -18.37 -25.40
N ILE B 168 -28.97 -17.99 -25.20
CA ILE B 168 -29.70 -18.41 -24.01
C ILE B 168 -29.94 -19.93 -24.05
N GLU B 169 -30.40 -20.47 -25.19
CA GLU B 169 -30.63 -21.92 -25.31
CA GLU B 169 -30.63 -21.92 -25.31
C GLU B 169 -29.34 -22.70 -25.06
N THR B 170 -28.23 -22.20 -25.60
CA THR B 170 -26.93 -22.85 -25.45
C THR B 170 -26.45 -22.85 -24.01
N LEU B 171 -26.59 -21.71 -23.33
CA LEU B 171 -26.11 -21.59 -21.97
C LEU B 171 -26.99 -22.37 -21.01
N GLU B 172 -28.30 -22.37 -21.25
CA GLU B 172 -29.24 -23.19 -20.44
C GLU B 172 -28.86 -24.67 -20.49
N GLU B 173 -28.53 -25.18 -21.68
CA GLU B 173 -28.09 -26.55 -21.80
C GLU B 173 -26.72 -26.76 -21.17
N ALA B 174 -25.80 -25.81 -21.37
CA ALA B 174 -24.45 -25.92 -20.81
C ALA B 174 -24.49 -26.15 -19.30
N VAL B 175 -25.34 -25.38 -18.61
CA VAL B 175 -25.46 -25.48 -17.15
C VAL B 175 -25.84 -26.90 -16.69
N THR B 176 -26.67 -27.57 -17.46
CA THR B 176 -27.10 -28.93 -17.10
C THR B 176 -25.97 -29.96 -17.23
N LEU B 177 -24.95 -29.64 -18.01
CA LEU B 177 -23.83 -30.57 -18.28
C LEU B 177 -22.60 -30.34 -17.39
N SER B 179 -19.81 -29.18 -14.28
CA SER B 179 -19.46 -29.58 -12.91
C SER B 179 -19.43 -28.36 -12.00
N GLU B 180 -19.77 -28.56 -10.73
CA GLU B 180 -19.66 -27.52 -9.70
C GLU B 180 -18.27 -27.35 -9.09
N GLU B 181 -17.34 -28.24 -9.43
CA GLU B 181 -16.00 -28.18 -8.88
CA GLU B 181 -15.98 -28.19 -8.91
C GLU B 181 -15.30 -26.92 -9.43
N LYS B 182 -14.48 -26.31 -8.59
CA LYS B 182 -13.73 -25.12 -8.98
C LYS B 182 -12.56 -25.50 -9.86
N ASN B 183 -12.36 -24.70 -10.90
CA ASN B 183 -11.26 -24.89 -11.82
C ASN B 183 -10.67 -23.52 -12.10
N ASN B 184 -9.73 -23.09 -11.25
CA ASN B 184 -9.31 -21.67 -11.22
C ASN B 184 -8.78 -21.25 -12.56
N GLY B 185 -9.33 -20.18 -13.13
CA GLY B 185 -8.96 -19.69 -14.46
C GLY B 185 -9.97 -20.04 -15.54
N ARG B 186 -10.94 -20.89 -15.20
CA ARG B 186 -11.97 -21.35 -16.10
C ARG B 186 -13.36 -21.26 -15.47
N ASN B 188 -16.94 -22.78 -14.21
CA ASN B 188 -17.63 -23.98 -13.74
C ASN B 188 -19.13 -23.70 -13.80
N LYS B 189 -19.94 -24.57 -13.20
CA LYS B 189 -21.39 -24.45 -13.30
C LYS B 189 -21.87 -23.14 -12.64
N TYR B 190 -21.24 -22.78 -11.53
CA TYR B 190 -21.57 -21.52 -10.85
C TYR B 190 -21.32 -20.33 -11.76
N ALA B 191 -20.15 -20.28 -12.39
CA ALA B 191 -19.84 -19.19 -13.31
C ALA B 191 -20.83 -19.12 -14.48
N ALA B 192 -21.16 -20.28 -15.05
CA ALA B 192 -22.10 -20.35 -16.18
C ALA B 192 -23.49 -19.86 -15.77
N ARG B 193 -23.89 -20.20 -14.55
CA ARG B 193 -25.14 -19.72 -13.99
C ARG B 193 -25.14 -18.22 -13.77
N ALA B 194 -24.02 -17.68 -13.29
CA ALA B 194 -23.88 -16.23 -13.09
C ALA B 194 -23.98 -15.53 -14.45
N LEU B 195 -23.26 -16.04 -15.45
CA LEU B 195 -23.34 -15.49 -16.81
C LEU B 195 -24.77 -15.53 -17.36
N LEU B 196 -25.44 -16.66 -17.17
CA LEU B 196 -26.81 -16.79 -17.68
C LEU B 196 -27.75 -15.80 -16.99
N ALA B 197 -27.58 -15.59 -15.69
CA ALA B 197 -28.38 -14.58 -14.97
C ALA B 197 -28.20 -13.20 -15.61
N ARG B 198 -26.94 -12.84 -15.90
CA ARG B 198 -26.62 -11.58 -16.58
C ARG B 198 -27.31 -11.48 -17.93
N ILE B 199 -27.16 -12.53 -18.72
CA ILE B 199 -27.71 -12.52 -20.08
C ILE B 199 -29.25 -12.46 -20.04
N TYR B 200 -29.90 -13.22 -19.17
CA TYR B 200 -31.33 -13.03 -18.92
C TYR B 200 -31.69 -11.57 -18.65
N LEU B 201 -30.88 -10.87 -17.83
CA LEU B 201 -31.18 -9.46 -17.49
C LEU B 201 -31.03 -8.55 -18.71
N TYR B 202 -29.96 -8.77 -19.47
CA TYR B 202 -29.75 -8.01 -20.72
C TYR B 202 -30.87 -8.26 -21.74
N HIS B 203 -31.48 -9.44 -21.65
CA HIS B 203 -32.58 -9.85 -22.53
C HIS B 203 -33.96 -9.43 -21.99
N ASP B 204 -33.98 -8.68 -20.87
CA ASP B 204 -35.22 -8.22 -20.25
C ASP B 204 -36.07 -9.38 -19.70
N ASP B 205 -35.48 -10.58 -19.57
CA ASP B 205 -36.14 -11.73 -18.90
C ASP B 205 -35.95 -11.56 -17.39
N ASN B 206 -36.66 -10.59 -16.81
CA ASN B 206 -36.37 -10.20 -15.43
C ASN B 206 -36.74 -11.24 -14.39
N ARG B 207 -37.87 -11.93 -14.59
CA ARG B 207 -38.23 -13.04 -13.73
C ARG B 207 -37.18 -14.17 -13.76
N LYS B 208 -36.76 -14.58 -14.95
CA LYS B 208 -35.73 -15.60 -15.09
C LYS B 208 -34.40 -15.12 -14.44
N ALA B 209 -34.06 -13.86 -14.66
CA ALA B 209 -32.82 -13.32 -14.09
C ALA B 209 -32.85 -13.35 -12.57
N PHE B 210 -33.96 -12.87 -12.01
CA PHE B 210 -34.13 -12.88 -10.57
C PHE B 210 -34.11 -14.28 -9.96
N ASP B 211 -34.90 -15.20 -10.52
CA ASP B 211 -35.00 -16.53 -9.95
C ASP B 211 -33.62 -17.22 -9.96
N LEU B 212 -32.90 -17.11 -11.06
CA LEU B 212 -31.56 -17.72 -11.14
C LEU B 212 -30.55 -17.07 -10.18
N ALA B 213 -30.44 -15.73 -10.20
CA ALA B 213 -29.52 -15.03 -9.28
C ALA B 213 -29.85 -15.37 -7.83
N ASP B 214 -31.12 -15.31 -7.46
CA ASP B 214 -31.56 -15.68 -6.11
C ASP B 214 -31.10 -17.08 -5.71
N GLN B 215 -31.36 -18.05 -6.57
CA GLN B 215 -30.98 -19.44 -6.27
C GLN B 215 -29.47 -19.60 -6.24
N LEU B 216 -28.78 -18.87 -7.12
CA LEU B 216 -27.32 -18.94 -7.20
C LEU B 216 -26.68 -18.42 -5.90
N ILE B 217 -27.15 -17.27 -5.42
CA ILE B 217 -26.70 -16.73 -4.14
C ILE B 217 -26.97 -17.72 -2.99
N LYS B 218 -28.15 -18.33 -3.01
CA LYS B 218 -28.49 -19.31 -1.97
C LYS B 218 -27.60 -20.56 -2.06
N ASP B 219 -27.27 -20.98 -3.28
CA ASP B 219 -26.39 -22.14 -3.47
C ASP B 219 -24.96 -21.86 -3.00
N ALA B 220 -24.43 -20.68 -3.34
CA ALA B 220 -23.13 -20.23 -2.81
C ALA B 220 -23.11 -20.28 -1.28
N ASP B 221 -24.21 -19.88 -0.67
CA ASP B 221 -24.32 -19.84 0.79
CA ASP B 221 -24.32 -19.82 0.79
C ASP B 221 -24.42 -21.22 1.41
N THR B 222 -25.29 -22.07 0.86
CA THR B 222 -25.45 -23.43 1.36
CA THR B 222 -25.43 -23.40 1.42
C THR B 222 -24.17 -24.24 1.20
N SER B 223 -23.54 -24.11 0.05
CA SER B 223 -22.33 -24.88 -0.22
C SER B 223 -21.10 -24.32 0.49
N GLY B 224 -21.14 -23.05 0.87
CA GLY B 224 -19.94 -22.36 1.32
C GLY B 224 -18.85 -22.18 0.27
N SER B 225 -19.18 -22.36 -1.01
CA SER B 225 -18.16 -22.36 -2.05
CA SER B 225 -18.19 -22.36 -2.08
C SER B 225 -17.76 -20.95 -2.52
N TYR B 226 -18.62 -19.96 -2.28
CA TYR B 226 -18.34 -18.55 -2.64
C TYR B 226 -18.93 -17.68 -1.54
N ALA B 227 -18.38 -16.48 -1.34
CA ALA B 227 -18.81 -15.59 -0.28
C ALA B 227 -18.37 -14.14 -0.57
N LEU B 228 -19.16 -13.18 -0.09
CA LEU B 228 -18.82 -11.75 -0.27
C LEU B 228 -17.58 -11.37 0.54
N TYR B 229 -16.74 -10.48 0.01
CA TYR B 229 -15.61 -9.98 0.79
C TYR B 229 -16.15 -9.07 1.90
N PRO B 230 -15.76 -9.29 3.18
CA PRO B 230 -16.20 -8.32 4.17
C PRO B 230 -15.57 -6.94 3.99
N HIS B 231 -16.24 -5.95 4.57
CA HIS B 231 -15.84 -4.54 4.52
C HIS B 231 -14.34 -4.38 4.79
N GLU B 232 -13.86 -4.95 5.90
CA GLU B 232 -12.47 -4.76 6.34
C GLU B 232 -11.44 -5.46 5.46
N LYS B 233 -11.88 -6.38 4.59
CA LYS B 233 -10.98 -7.16 3.74
C LYS B 233 -11.18 -6.88 2.26
N TYR B 234 -11.96 -5.86 1.93
CA TYR B 234 -12.37 -5.62 0.59
C TYR B 234 -11.18 -5.18 -0.27
N VAL B 235 -10.44 -4.20 0.21
CA VAL B 235 -9.29 -3.70 -0.54
C VAL B 235 -8.28 -4.82 -0.76
N ALA B 236 -7.97 -5.56 0.30
CA ALA B 236 -7.02 -6.70 0.22
C ALA B 236 -7.43 -7.75 -0.81
N ALA B 237 -8.74 -7.88 -1.07
CA ALA B 237 -9.25 -8.83 -2.04
C ALA B 237 -8.81 -8.56 -3.45
N TRP B 238 -8.36 -7.34 -3.70
CA TRP B 238 -7.96 -6.96 -5.06
C TRP B 238 -6.43 -7.11 -5.31
N SER B 239 -5.74 -7.74 -4.37
CA SER B 239 -4.29 -7.97 -4.44
C SER B 239 -3.98 -9.16 -5.36
N VAL B 240 -2.88 -9.06 -6.08
CA VAL B 240 -2.34 -10.22 -6.81
C VAL B 240 -2.00 -11.38 -5.90
N GLU B 241 -1.94 -11.14 -4.59
CA GLU B 241 -1.69 -12.20 -3.63
C GLU B 241 -2.98 -12.88 -3.17
N ALA B 242 -4.13 -12.44 -3.69
CA ALA B 242 -5.44 -13.02 -3.28
C ALA B 242 -6.24 -13.49 -4.50
N LYS B 243 -5.56 -14.16 -5.40
CA LYS B 243 -6.22 -14.58 -6.63
C LYS B 243 -7.28 -15.64 -6.35
N PHE B 244 -8.26 -15.73 -7.25
CA PHE B 244 -9.39 -16.65 -7.13
C PHE B 244 -10.04 -16.56 -5.74
N GLY B 245 -10.23 -15.33 -5.27
CA GLY B 245 -10.89 -15.09 -3.98
C GLY B 245 -12.32 -15.60 -3.97
N SER B 246 -12.93 -15.50 -2.80
CA SER B 246 -14.19 -16.18 -2.49
C SER B 246 -15.38 -15.70 -3.29
N GLU B 247 -15.28 -14.52 -3.93
CA GLU B 247 -16.34 -14.03 -4.81
C GLU B 247 -16.18 -14.48 -6.26
N SER B 248 -14.99 -14.94 -6.63
CA SER B 248 -14.68 -15.10 -8.03
C SER B 248 -15.14 -16.44 -8.58
N PHE B 249 -16.13 -16.40 -9.47
CA PHE B 249 -16.56 -17.59 -10.19
C PHE B 249 -15.61 -17.83 -11.37
N PHE B 250 -15.24 -16.75 -12.06
CA PHE B 250 -14.40 -16.83 -13.23
C PHE B 250 -13.56 -15.56 -13.33
N GLU B 251 -12.25 -15.75 -13.40
CA GLU B 251 -11.32 -14.68 -13.70
C GLU B 251 -10.27 -15.23 -14.64
N ILE B 252 -9.71 -14.33 -15.44
CA ILE B 252 -8.66 -14.66 -16.37
C ILE B 252 -7.38 -14.86 -15.57
N ALA B 253 -6.75 -16.01 -15.74
CA ALA B 253 -5.55 -16.35 -14.97
C ALA B 253 -4.26 -15.98 -15.70
N ASN B 254 -3.55 -15.01 -15.14
CA ASN B 254 -2.27 -14.57 -15.64
C ASN B 254 -1.17 -15.01 -14.67
N SER B 255 0.04 -15.24 -15.21
CA SER B 255 1.18 -15.66 -14.40
C SER B 255 2.48 -15.16 -15.06
N VAL B 256 3.61 -15.32 -14.38
CA VAL B 256 4.86 -14.64 -14.78
CA VAL B 256 4.86 -14.64 -14.78
C VAL B 256 5.22 -14.90 -16.25
N ASP B 257 5.04 -16.14 -16.68
CA ASP B 257 5.39 -16.54 -18.04
C ASP B 257 4.18 -16.81 -18.94
N ASP B 258 3.03 -16.29 -18.54
CA ASP B 258 1.80 -16.45 -19.30
C ASP B 258 0.89 -15.30 -18.94
N THR B 259 1.15 -14.14 -19.56
CA THR B 259 0.40 -12.91 -19.31
C THR B 259 0.57 -11.95 -20.48
N PRO B 260 -0.44 -11.08 -20.74
CA PRO B 260 -0.22 -10.01 -21.70
C PRO B 260 0.77 -8.96 -21.18
N GLY B 261 1.10 -9.02 -19.89
CA GLY B 261 2.18 -8.21 -19.33
C GLY B 261 1.86 -6.74 -19.39
N ARG B 262 2.66 -5.97 -20.12
CA ARG B 262 2.43 -4.53 -20.19
C ARG B 262 1.23 -4.16 -21.04
N ASP B 263 0.67 -5.14 -21.76
CA ASP B 263 -0.63 -4.96 -22.45
C ASP B 263 -1.83 -5.38 -21.60
N SER B 264 -1.58 -5.87 -20.39
CA SER B 264 -2.66 -6.28 -19.48
C SER B 264 -3.35 -5.02 -18.88
N TRP B 265 -4.65 -5.16 -18.64
CA TRP B 265 -5.46 -4.18 -17.95
C TRP B 265 -4.78 -3.63 -16.68
N GLY B 266 -4.20 -4.51 -15.87
CA GLY B 266 -3.52 -4.09 -14.64
C GLY B 266 -2.36 -3.12 -14.86
N TYR B 267 -1.67 -3.26 -15.99
CA TYR B 267 -0.53 -2.40 -16.31
C TYR B 267 -1.02 -1.09 -16.92
N LEU B 268 -2.04 -1.18 -17.75
CA LEU B 268 -2.61 0.01 -18.38
C LEU B 268 -3.21 0.98 -17.33
N LEU B 269 -3.89 0.45 -16.31
CA LEU B 269 -4.54 1.34 -15.35
C LEU B 269 -3.57 1.93 -14.33
N ASN B 270 -2.39 1.32 -14.19
CA ASN B 270 -1.47 1.70 -13.12
C ASN B 270 -0.72 2.97 -13.48
N TRP B 271 -0.75 3.93 -12.55
CA TRP B 271 -0.03 5.18 -12.68
C TRP B 271 1.47 4.95 -12.99
N TYR B 272 2.04 3.91 -12.37
CA TYR B 272 3.47 3.59 -12.49
C TYR B 272 3.75 2.56 -13.60
N GLY B 273 2.70 2.21 -14.34
CA GLY B 273 2.79 1.29 -15.50
C GLY B 273 2.73 2.17 -16.73
N TYR B 274 1.63 2.08 -17.48
CA TYR B 274 1.45 2.97 -18.63
C TYR B 274 0.41 4.12 -18.51
N GLN B 275 -0.23 4.26 -17.35
CA GLN B 275 -0.98 5.47 -17.04
C GLN B 275 -1.98 5.81 -18.15
N LYS B 276 -2.73 4.82 -18.61
CA LYS B 276 -3.61 4.98 -19.78
C LYS B 276 -4.98 5.60 -19.46
N GLY B 277 -5.37 5.55 -18.20
CA GLY B 277 -6.70 6.03 -17.82
C GLY B 277 -6.84 6.25 -16.32
N PHE B 278 -7.92 6.93 -15.95
CA PHE B 278 -8.19 7.30 -14.57
C PHE B 278 -9.67 6.99 -14.28
N VAL B 279 -10.10 7.08 -13.04
CA VAL B 279 -11.55 7.26 -12.83
C VAL B 279 -11.83 8.74 -13.20
N THR B 280 -13.09 9.04 -13.47
CA THR B 280 -13.48 10.40 -13.73
C THR B 280 -13.68 11.13 -12.40
N GLN B 281 -13.71 12.44 -12.49
CA GLN B 281 -14.02 13.24 -11.30
C GLN B 281 -15.43 12.87 -10.75
N LYS B 282 -16.36 12.52 -11.64
CA LYS B 282 -17.72 12.09 -11.27
C LYS B 282 -17.68 10.85 -10.38
N TYR B 283 -16.87 9.87 -10.76
CA TYR B 283 -16.72 8.68 -9.91
C TYR B 283 -16.04 9.02 -8.57
N ALA B 284 -14.97 9.83 -8.63
CA ALA B 284 -14.26 10.17 -7.42
C ALA B 284 -15.17 10.94 -6.45
N GLU B 285 -15.97 11.88 -6.97
CA GLU B 285 -16.90 12.63 -6.12
C GLU B 285 -17.97 11.75 -5.54
N GLN B 286 -18.41 10.78 -6.32
CA GLN B 286 -19.36 9.79 -5.84
C GLN B 286 -18.83 9.03 -4.63
N LEU B 288 -15.87 9.80 -2.75
CA LEU B 288 -15.23 10.63 -1.72
C LEU B 288 -16.20 11.53 -0.94
N ALA B 289 -17.45 11.60 -1.39
CA ALA B 289 -18.52 12.13 -0.57
C ALA B 289 -18.77 11.22 0.65
N ASP B 290 -18.40 9.94 0.57
CA ASP B 290 -18.70 8.96 1.62
C ASP B 290 -17.41 8.19 1.98
N PRO B 291 -16.49 8.84 2.70
CA PRO B 291 -15.17 8.25 2.98
C PRO B 291 -15.20 6.91 3.71
N GLY B 292 -16.28 6.61 4.44
CA GLY B 292 -16.43 5.31 5.09
C GLY B 292 -16.58 4.13 4.13
N ASP B 293 -16.93 4.41 2.87
CA ASP B 293 -17.16 3.36 1.88
C ASP B 293 -15.86 2.87 1.28
N VAL B 294 -15.62 1.56 1.39
CA VAL B 294 -14.33 0.97 1.06
C VAL B 294 -14.03 0.99 -0.43
N ARG B 295 -15.05 1.17 -1.25
CA ARG B 295 -14.81 1.27 -2.67
C ARG B 295 -13.99 2.51 -3.05
N GLY B 296 -14.10 3.58 -2.27
CA GLY B 296 -13.31 4.78 -2.50
C GLY B 296 -11.85 4.63 -2.12
N HIS B 297 -11.56 3.62 -1.31
CA HIS B 297 -10.21 3.40 -0.78
C HIS B 297 -9.27 2.84 -1.85
N LEU B 298 -9.82 2.40 -2.99
CA LEU B 298 -9.06 1.97 -4.16
C LEU B 298 -8.63 3.14 -5.04
N LEU B 299 -9.01 4.36 -4.68
CA LEU B 299 -8.67 5.53 -5.47
C LEU B 299 -7.35 6.14 -4.97
N GLU B 300 -6.57 6.67 -5.91
CA GLU B 300 -5.32 7.34 -5.57
C GLU B 300 -5.27 8.70 -6.21
N GLU B 301 -5.18 9.73 -5.38
CA GLU B 301 -5.14 11.07 -5.91
C GLU B 301 -3.76 11.35 -6.49
N ASN B 302 -3.74 12.11 -7.59
CA ASN B 302 -2.49 12.65 -8.12
C ASN B 302 -2.82 13.90 -8.97
N LYS B 303 -1.82 14.43 -9.66
CA LYS B 303 -1.99 15.62 -10.49
CA LYS B 303 -1.98 15.62 -10.48
C LYS B 303 -1.53 15.31 -11.91
N TYR B 304 -2.38 15.67 -12.87
CA TYR B 304 -2.12 15.38 -14.28
C TYR B 304 -2.63 16.56 -15.11
N ALA B 305 -1.76 17.07 -15.98
CA ALA B 305 -2.08 18.21 -16.85
C ALA B 305 -2.69 19.37 -16.07
N GLY B 306 -2.16 19.64 -14.88
CA GLY B 306 -2.62 20.74 -14.06
C GLY B 306 -3.92 20.53 -13.29
N LYS B 307 -4.50 19.32 -13.35
CA LYS B 307 -5.73 19.01 -12.64
C LYS B 307 -5.51 17.92 -11.60
N THR B 308 -6.32 17.95 -10.55
CA THR B 308 -6.32 16.89 -9.59
C THR B 308 -7.12 15.73 -10.18
N VAL B 309 -6.49 14.56 -10.28
CA VAL B 309 -7.17 13.36 -10.78
C VAL B 309 -7.06 12.23 -9.79
N TRP B 310 -7.83 11.16 -10.04
CA TRP B 310 -7.76 9.94 -9.24
C TRP B 310 -7.59 8.75 -10.18
N TRP B 311 -6.53 7.96 -9.96
CA TRP B 311 -6.38 6.71 -10.70
C TRP B 311 -6.94 5.58 -9.88
N LEU B 312 -7.29 4.50 -10.57
CA LEU B 312 -7.92 3.35 -9.93
C LEU B 312 -6.87 2.30 -9.60
N TYR B 313 -6.61 2.13 -8.32
CA TYR B 313 -5.68 1.10 -7.86
C TYR B 313 -6.44 -0.14 -7.41
N LYS B 314 -7.08 -0.78 -8.39
CA LYS B 314 -7.92 -1.96 -8.19
C LYS B 314 -7.23 -3.26 -8.63
N LEU B 315 -6.16 -3.16 -9.42
CA LEU B 315 -5.37 -4.34 -9.78
C LEU B 315 -4.02 -4.19 -9.07
N ARG B 316 -3.94 -4.77 -7.86
CA ARG B 316 -2.94 -4.33 -6.88
C ARG B 316 -1.79 -5.32 -6.83
N GLY B 317 -0.61 -4.83 -7.23
CA GLY B 317 0.61 -5.61 -7.17
C GLY B 317 1.14 -5.68 -5.76
N THR B 318 2.24 -6.38 -5.59
CA THR B 318 2.86 -6.52 -4.28
C THR B 318 3.61 -5.26 -3.83
N ASP B 319 3.98 -4.39 -4.78
CA ASP B 319 4.71 -3.18 -4.47
C ASP B 319 3.97 -1.93 -4.92
N LEU B 320 3.79 -0.99 -3.97
CA LEU B 320 2.95 0.18 -4.20
C LEU B 320 3.43 1.03 -5.40
N LYS B 321 4.70 0.99 -5.71
CA LYS B 321 5.25 1.87 -6.76
C LYS B 321 5.68 1.11 -8.05
N THR B 322 5.27 -0.14 -8.15
CA THR B 322 5.56 -0.98 -9.34
C THR B 322 4.27 -1.55 -9.90
N ALA B 323 3.97 -1.22 -11.14
CA ALA B 323 2.78 -1.75 -11.81
C ALA B 323 2.91 -3.27 -11.98
N PRO B 324 1.83 -4.01 -11.74
CA PRO B 324 1.85 -5.45 -11.86
C PRO B 324 1.78 -5.90 -13.33
N LEU B 325 2.56 -6.93 -13.64
CA LEU B 325 2.51 -7.58 -14.94
C LEU B 325 1.54 -8.75 -15.03
N GLU B 326 1.16 -9.31 -13.89
CA GLU B 326 0.43 -10.57 -13.85
C GLU B 326 -0.87 -10.53 -13.06
N CYS B 327 -1.50 -9.36 -12.91
CA CYS B 327 -2.80 -9.33 -12.23
CA CYS B 327 -2.79 -9.33 -12.23
C CYS B 327 -3.84 -10.06 -13.08
N ASN B 328 -4.73 -10.78 -12.41
CA ASN B 328 -5.85 -11.45 -13.04
C ASN B 328 -6.99 -10.44 -13.32
N ASN B 329 -7.86 -10.77 -14.26
CA ASN B 329 -9.01 -9.95 -14.62
C ASN B 329 -10.29 -10.69 -14.30
N VAL B 330 -11.04 -10.19 -13.33
CA VAL B 330 -12.32 -10.82 -12.91
CA VAL B 330 -12.28 -10.88 -12.93
C VAL B 330 -13.32 -10.68 -14.04
N VAL B 331 -14.07 -11.75 -14.33
CA VAL B 331 -15.11 -11.74 -15.35
C VAL B 331 -16.51 -11.92 -14.73
N LEU B 332 -16.64 -12.86 -13.78
CA LEU B 332 -17.91 -13.15 -13.10
C LEU B 332 -17.62 -13.34 -11.62
N ARG B 333 -18.16 -12.47 -10.78
CA ARG B 333 -18.03 -12.63 -9.36
C ARG B 333 -19.37 -12.42 -8.63
N LEU B 334 -19.40 -12.84 -7.38
CA LEU B 334 -20.63 -12.92 -6.58
C LEU B 334 -21.36 -11.58 -6.39
N SER B 335 -20.64 -10.49 -6.19
CA SER B 335 -21.31 -9.17 -6.04
C SER B 335 -22.18 -8.81 -7.26
N GLU B 336 -21.77 -9.18 -8.47
CA GLU B 336 -22.57 -8.88 -9.65
C GLU B 336 -23.92 -9.59 -9.56
N VAL B 337 -23.90 -10.84 -9.12
CA VAL B 337 -25.12 -11.65 -8.96
C VAL B 337 -26.08 -11.04 -7.93
N TYR B 338 -25.57 -10.57 -6.79
CA TYR B 338 -26.40 -9.77 -5.88
C TYR B 338 -27.05 -8.57 -6.62
N LEU B 339 -26.26 -7.86 -7.41
CA LEU B 339 -26.79 -6.69 -8.09
C LEU B 339 -27.76 -7.03 -9.25
N ILE B 340 -27.61 -8.22 -9.85
CA ILE B 340 -28.57 -8.69 -10.85
C ILE B 340 -29.91 -8.94 -10.19
N ALA B 341 -29.87 -9.64 -9.06
CA ALA B 341 -31.07 -9.88 -8.27
C ALA B 341 -31.74 -8.56 -7.86
N ALA B 342 -30.92 -7.61 -7.42
CA ALA B 342 -31.41 -6.29 -7.01
C ALA B 342 -32.07 -5.59 -8.19
N GLU B 343 -31.42 -5.66 -9.36
CA GLU B 343 -31.94 -4.95 -10.51
C GLU B 343 -33.22 -5.60 -11.03
N ALA B 344 -33.18 -6.91 -11.21
CA ALA B 344 -34.37 -7.65 -11.63
C ALA B 344 -35.55 -7.45 -10.67
N GLY B 345 -35.28 -7.50 -9.35
CA GLY B 345 -36.30 -7.25 -8.33
C GLY B 345 -37.02 -5.91 -8.46
N CYS B 346 -36.25 -4.86 -8.71
CA CYS B 346 -36.79 -3.52 -8.91
CA CYS B 346 -36.87 -3.53 -8.86
C CYS B 346 -37.71 -3.45 -10.13
N LYS B 347 -37.37 -4.23 -11.16
CA LYS B 347 -38.18 -4.29 -12.39
C LYS B 347 -39.43 -5.18 -12.25
N LEU B 348 -39.44 -6.06 -11.26
CA LEU B 348 -40.53 -7.03 -11.07
C LEU B 348 -41.54 -6.60 -10.00
N GLY B 349 -41.08 -5.89 -8.97
CA GLY B 349 -41.92 -5.52 -7.84
C GLY B 349 -42.26 -6.75 -7.01
N GLY B 350 -43.26 -6.61 -6.14
CA GLY B 350 -43.81 -7.75 -5.36
C GLY B 350 -42.76 -8.35 -4.45
N ASP B 351 -42.81 -9.68 -4.27
CA ASP B 351 -41.84 -10.39 -3.41
C ASP B 351 -40.41 -10.27 -3.91
N ALA B 352 -40.23 -10.33 -5.23
CA ALA B 352 -38.90 -10.16 -5.83
C ALA B 352 -38.25 -8.83 -5.46
N ALA B 353 -39.04 -7.77 -5.35
CA ALA B 353 -38.51 -6.45 -4.99
C ALA B 353 -38.08 -6.44 -3.52
N VAL B 354 -38.87 -7.08 -2.64
CA VAL B 354 -38.49 -7.19 -1.22
C VAL B 354 -37.17 -7.96 -1.10
N GLN B 355 -37.09 -9.10 -1.79
CA GLN B 355 -35.87 -9.91 -1.80
CA GLN B 355 -35.85 -9.89 -1.79
C GLN B 355 -34.70 -9.15 -2.46
N GLY B 356 -34.98 -8.53 -3.60
CA GLY B 356 -34.00 -7.72 -4.32
C GLY B 356 -33.44 -6.60 -3.47
N LEU B 357 -34.29 -5.94 -2.70
CA LEU B 357 -33.85 -4.85 -1.84
C LEU B 357 -32.91 -5.37 -0.75
N GLY B 358 -33.20 -6.57 -0.23
CA GLY B 358 -32.33 -7.20 0.75
C GLY B 358 -30.93 -7.44 0.21
N TYR B 359 -30.88 -7.95 -1.02
CA TYR B 359 -29.62 -8.20 -1.69
C TYR B 359 -28.87 -6.92 -1.96
N LEU B 360 -29.59 -5.90 -2.43
CA LEU B 360 -28.99 -4.55 -2.62
C LEU B 360 -28.39 -4.07 -1.31
N ASN B 361 -29.14 -4.18 -0.22
CA ASN B 361 -28.65 -3.68 1.07
C ASN B 361 -27.38 -4.42 1.53
N GLU B 362 -27.25 -5.69 1.16
CA GLU B 362 -26.06 -6.45 1.49
C GLU B 362 -24.81 -5.84 0.87
N ILE B 363 -24.89 -5.45 -0.40
CA ILE B 363 -23.74 -4.87 -1.11
C ILE B 363 -23.50 -3.44 -0.59
N VAL B 364 -24.58 -2.72 -0.37
CA VAL B 364 -24.51 -1.35 0.15
C VAL B 364 -23.83 -1.31 1.52
N LYS B 365 -24.21 -2.24 2.39
CA LYS B 365 -23.71 -2.25 3.78
C LYS B 365 -22.30 -2.84 3.86
N ARG B 366 -21.95 -3.75 2.96
CA ARG B 366 -20.56 -4.21 2.85
C ARG B 366 -19.69 -3.02 2.48
N GLY B 367 -20.15 -2.17 1.59
CA GLY B 367 -19.39 -0.97 1.21
C GLY B 367 -19.20 -0.02 2.39
N ASN B 368 -20.31 0.32 3.01
CA ASN B 368 -20.32 1.12 4.23
C ASN B 368 -21.52 0.74 5.12
N PRO B 369 -21.26 0.15 6.30
CA PRO B 369 -22.38 -0.34 7.08
C PRO B 369 -23.27 0.77 7.66
N ASP B 370 -22.82 2.03 7.59
CA ASP B 370 -23.62 3.17 8.01
C ASP B 370 -24.77 3.45 7.06
N ASN B 371 -24.70 2.91 5.84
CA ASN B 371 -25.69 3.16 4.80
C ASN B 371 -26.79 2.11 4.73
N GLU B 372 -27.87 2.49 4.07
CA GLU B 372 -28.99 1.60 3.84
C GLU B 372 -29.77 2.11 2.66
N VAL B 373 -30.61 1.24 2.11
CA VAL B 373 -31.56 1.64 1.08
C VAL B 373 -32.94 1.22 1.56
N THR B 374 -33.81 2.21 1.73
CA THR B 374 -35.20 1.99 2.12
C THR B 374 -36.00 1.58 0.91
N ALA B 376 -38.61 3.00 -0.20
CA ALA B 376 -38.98 4.23 -0.94
C ALA B 376 -37.87 4.69 -1.89
N ASP B 377 -36.62 4.36 -1.55
CA ASP B 377 -35.46 4.73 -2.35
C ASP B 377 -34.96 3.62 -3.28
N TYR B 378 -35.66 2.48 -3.30
CA TYR B 378 -35.31 1.33 -4.16
C TYR B 378 -35.82 1.55 -5.58
N THR B 379 -35.00 2.24 -6.35
CA THR B 379 -35.30 2.58 -7.74
C THR B 379 -34.23 1.98 -8.63
N LEU B 380 -34.56 1.89 -9.92
CA LEU B 380 -33.60 1.38 -10.91
C LEU B 380 -32.32 2.21 -10.89
N ASP B 381 -32.46 3.54 -10.88
CA ASP B 381 -31.29 4.42 -10.75
C ASP B 381 -30.45 4.15 -9.52
N ARG B 382 -31.07 3.91 -8.37
CA ARG B 382 -30.30 3.57 -7.17
C ARG B 382 -29.49 2.28 -7.36
N VAL B 383 -30.07 1.32 -8.07
CA VAL B 383 -29.37 0.06 -8.33
C VAL B 383 -28.22 0.26 -9.31
N LEU B 384 -28.47 1.08 -10.35
CA LEU B 384 -27.41 1.35 -11.31
C LEU B 384 -26.29 2.14 -10.66
N ASP B 385 -26.62 3.06 -9.73
CA ASP B 385 -25.58 3.78 -8.99
C ASP B 385 -24.75 2.82 -8.14
N GLU B 386 -25.38 1.86 -7.49
CA GLU B 386 -24.63 0.86 -6.77
C GLU B 386 -23.70 0.03 -7.69
N ARG B 387 -24.19 -0.33 -8.88
CA ARG B 387 -23.34 -0.98 -9.87
C ARG B 387 -22.11 -0.10 -10.22
N SER B 388 -22.35 1.20 -10.37
CA SER B 388 -21.29 2.17 -10.67
C SER B 388 -20.22 2.05 -9.60
N LYS B 389 -20.64 2.14 -8.34
CA LYS B 389 -19.72 2.06 -7.22
C LYS B 389 -18.90 0.78 -7.22
N GLU B 390 -19.59 -0.35 -7.30
CA GLU B 390 -19.03 -1.67 -7.10
C GLU B 390 -18.18 -2.23 -8.24
N LEU B 391 -18.56 -1.94 -9.49
CA LEU B 391 -18.04 -2.67 -10.65
C LEU B 391 -17.10 -1.82 -11.52
N VAL B 392 -16.64 -0.68 -11.00
CA VAL B 392 -15.73 0.19 -11.73
C VAL B 392 -14.48 -0.59 -12.12
N GLY B 393 -14.07 -0.47 -13.38
CA GLY B 393 -12.87 -1.13 -13.84
C GLY B 393 -13.10 -2.58 -14.24
N GLU B 394 -14.35 -3.06 -14.15
CA GLU B 394 -14.70 -4.47 -14.42
C GLU B 394 -15.47 -4.57 -15.74
N GLY B 395 -15.58 -3.44 -16.45
CA GLY B 395 -16.14 -3.43 -17.80
C GLY B 395 -17.65 -3.47 -17.95
N HIS B 396 -18.37 -2.93 -16.98
CA HIS B 396 -19.84 -3.00 -16.99
C HIS B 396 -20.56 -1.70 -17.34
N ARG B 397 -19.98 -0.56 -16.93
CA ARG B 397 -20.78 0.65 -16.76
C ARG B 397 -21.46 1.15 -18.05
N PHE B 398 -20.72 1.19 -19.17
CA PHE B 398 -21.29 1.57 -20.48
C PHE B 398 -22.47 0.70 -20.82
N PHE B 399 -22.29 -0.61 -20.71
CA PHE B 399 -23.35 -1.56 -21.05
C PHE B 399 -24.57 -1.36 -20.15
N ASP B 400 -24.33 -1.22 -18.85
CA ASP B 400 -25.41 -1.11 -17.87
C ASP B 400 -26.27 0.12 -18.05
N LEU B 401 -25.67 1.25 -18.38
CA LEU B 401 -26.43 2.47 -18.68
C LEU B 401 -27.18 2.35 -20.01
N LEU B 402 -26.51 1.88 -21.05
CA LEU B 402 -27.11 1.84 -22.40
C LEU B 402 -28.31 0.87 -22.45
N ARG B 403 -28.18 -0.32 -21.86
CA ARG B 403 -29.27 -1.30 -21.88
C ARG B 403 -30.50 -0.86 -21.07
N ASN B 404 -30.34 0.14 -20.20
CA ASN B 404 -31.49 0.64 -19.45
C ASN B 404 -32.01 1.95 -20.04
N GLY B 405 -31.63 2.23 -21.29
CA GLY B 405 -32.07 3.42 -22.02
C GLY B 405 -31.66 4.73 -21.37
N LYS B 406 -30.52 4.72 -20.67
CA LYS B 406 -30.03 5.92 -20.02
C LYS B 406 -29.13 6.70 -20.95
N THR B 407 -28.99 7.98 -20.68
CA THR B 407 -28.00 8.83 -21.34
C THR B 407 -26.76 8.91 -20.46
N ILE B 408 -25.64 8.55 -21.04
CA ILE B 408 -24.35 8.58 -20.36
C ILE B 408 -23.84 10.01 -20.44
N VAL B 409 -23.73 10.67 -19.27
CA VAL B 409 -23.23 12.04 -19.25
C VAL B 409 -21.73 12.09 -18.92
N ARG B 410 -20.97 12.68 -19.83
CA ARG B 410 -19.50 12.69 -19.74
C ARG B 410 -18.98 14.10 -19.95
N LYS B 411 -19.02 14.92 -18.92
CA LYS B 411 -18.68 16.32 -19.08
C LYS B 411 -18.08 16.92 -17.84
N GLY B 412 -17.34 18.00 -18.07
CA GLY B 412 -16.73 18.71 -16.98
C GLY B 412 -15.57 17.91 -16.40
N GLY B 413 -15.23 18.26 -15.18
CA GLY B 413 -14.15 17.57 -14.49
C GLY B 413 -12.87 17.68 -15.27
N TYR B 414 -12.22 16.54 -15.49
CA TYR B 414 -10.96 16.55 -16.22
C TYR B 414 -11.06 15.70 -17.49
N HIS B 415 -12.27 15.64 -18.01
CA HIS B 415 -12.54 15.06 -19.32
C HIS B 415 -11.72 15.74 -20.41
N LEU B 416 -11.36 14.97 -21.41
CA LEU B 416 -10.52 15.47 -22.49
C LEU B 416 -11.33 16.32 -23.44
N PRO B 417 -10.67 17.23 -24.19
CA PRO B 417 -11.41 17.98 -25.21
C PRO B 417 -12.05 17.06 -26.24
N SER B 418 -13.21 17.47 -26.72
CA SER B 418 -13.95 16.77 -27.77
C SER B 418 -14.56 15.46 -27.36
N VAL B 419 -14.56 15.09 -26.07
CA VAL B 419 -15.23 13.86 -25.68
C VAL B 419 -16.73 13.99 -26.04
N ASP B 420 -17.37 12.86 -26.32
CA ASP B 420 -18.81 12.80 -26.56
C ASP B 420 -19.54 12.94 -25.21
N GLU B 421 -20.14 14.11 -24.99
CA GLU B 421 -20.66 14.48 -23.68
C GLU B 421 -21.96 13.79 -23.32
N GLU B 422 -22.71 13.35 -24.33
CA GLU B 422 -23.93 12.58 -24.08
C GLU B 422 -23.98 11.41 -25.03
N VAL B 423 -24.06 10.20 -24.48
CA VAL B 423 -24.13 8.98 -25.27
C VAL B 423 -25.36 8.19 -24.84
N ASP B 424 -26.20 7.84 -25.82
CA ASP B 424 -27.34 6.96 -25.57
C ASP B 424 -27.44 5.93 -26.69
N TRP B 425 -28.47 5.10 -26.64
CA TRP B 425 -28.58 4.01 -27.60
C TRP B 425 -29.02 4.47 -29.00
N ASP B 426 -29.15 5.78 -29.19
CA ASP B 426 -29.33 6.36 -30.51
C ASP B 426 -28.01 6.86 -31.11
N PHE B 427 -26.95 6.94 -30.32
CA PHE B 427 -25.64 7.36 -30.83
C PHE B 427 -25.12 6.26 -31.77
N TYR B 428 -24.78 6.63 -32.99
CA TYR B 428 -24.43 5.62 -34.00
C TYR B 428 -23.17 4.84 -33.60
N LYS B 429 -22.33 5.45 -32.78
CA LYS B 429 -21.10 4.79 -32.36
C LYS B 429 -21.29 4.05 -31.03
N CYS B 430 -22.53 3.86 -30.58
CA CYS B 430 -22.77 2.98 -29.40
C CYS B 430 -22.60 1.51 -29.77
N VAL B 431 -22.37 1.27 -31.06
CA VAL B 431 -21.91 -0.02 -31.57
C VAL B 431 -20.65 0.20 -32.36
N LEU B 432 -19.78 -0.81 -32.38
CA LEU B 432 -18.62 -0.81 -33.23
C LEU B 432 -19.04 -1.04 -34.70
N PRO B 433 -18.23 -0.55 -35.68
CA PRO B 433 -18.51 -0.85 -37.07
C PRO B 433 -18.06 -2.26 -37.42
N ILE B 434 -18.75 -2.85 -38.39
CA ILE B 434 -18.34 -4.10 -38.98
C ILE B 434 -17.05 -3.82 -39.75
N PRO B 435 -16.02 -4.66 -39.54
CA PRO B 435 -14.78 -4.46 -40.27
C PRO B 435 -14.99 -4.42 -41.79
N GLU B 436 -14.30 -3.50 -42.43
CA GLU B 436 -14.35 -3.25 -43.87
C GLU B 436 -14.16 -4.51 -44.74
N ASP B 437 -13.26 -5.39 -44.35
CA ASP B 437 -13.00 -6.61 -45.14
C ASP B 437 -14.16 -7.63 -45.18
N GLN B 438 -15.14 -7.52 -44.27
CA GLN B 438 -16.31 -8.37 -44.35
CA GLN B 438 -16.36 -8.34 -44.34
C GLN B 438 -17.16 -8.07 -45.61
N PHE B 439 -17.08 -6.85 -46.12
CA PHE B 439 -17.82 -6.46 -47.34
C PHE B 439 -17.13 -6.93 -48.63
N ILE B 440 -15.88 -7.35 -48.52
CA ILE B 440 -15.19 -8.01 -49.61
C ILE B 440 -15.82 -9.39 -49.85
N PHE B 441 -16.06 -10.12 -48.76
CA PHE B 441 -16.65 -11.47 -48.85
C PHE B 441 -18.17 -11.43 -49.02
N SER B 442 -18.83 -10.44 -48.41
CA SER B 442 -20.29 -10.29 -48.46
C SER B 442 -20.65 -8.85 -48.83
N PRO B 443 -20.54 -8.50 -50.13
CA PRO B 443 -20.78 -7.10 -50.52
C PRO B 443 -22.20 -6.57 -50.25
N GLU B 444 -23.17 -7.46 -50.07
CA GLU B 444 -24.54 -7.07 -49.72
C GLU B 444 -24.78 -6.90 -48.21
N GLU B 446 -24.89 -5.38 -44.55
CA GLU B 446 -25.14 -4.01 -44.13
C GLU B 446 -24.11 -3.59 -43.08
N GLN B 447 -23.62 -2.36 -43.20
CA GLN B 447 -22.82 -1.74 -42.14
C GLN B 447 -23.77 -1.17 -41.09
N ASN B 448 -23.30 -1.08 -39.84
CA ASN B 448 -24.06 -0.40 -38.81
C ASN B 448 -24.28 1.05 -39.22
N PRO B 449 -25.47 1.59 -38.90
CA PRO B 449 -25.87 2.88 -39.46
C PRO B 449 -24.95 4.02 -39.06
N GLY B 450 -24.76 4.98 -39.97
CA GLY B 450 -23.99 6.19 -39.71
C GLY B 450 -22.50 6.09 -40.06
N TYR B 451 -21.95 4.88 -39.97
CA TYR B 451 -20.58 4.64 -40.37
C TYR B 451 -20.46 4.70 -41.90
N PRO B 452 -19.28 5.08 -42.43
CA PRO B 452 -19.17 5.17 -43.89
C PRO B 452 -19.23 3.78 -44.52
N LYS B 453 -19.80 3.69 -45.73
CA LYS B 453 -19.76 2.42 -46.47
C LYS B 453 -19.30 2.66 -47.89
#